data_5SYE
#
_entry.id   5SYE
#
loop_
_entity.id
_entity.type
_entity.pdbx_description
1 polymer 'Tubulin alpha chain'
2 polymer 'Tubulin beta chain'
3 non-polymer "GUANOSINE-5'-TRIPHOSPHATE"
4 non-polymer 'MAGNESIUM ION'
5 non-polymer "GUANOSINE-5'-DIPHOSPHATE"
6 non-polymer TAXOL
7 non-polymer 'Peloruside A'
#
loop_
_entity_poly.entity_id
_entity_poly.type
_entity_poly.pdbx_seq_one_letter_code
_entity_poly.pdbx_strand_id
1 'polypeptide(L)'
;MRECISIHVGQAGVQIGNACWELYCLEHGIQPDGQMPSDKTIGGGDDSFNTFFSETGAGKHVPRAVFVDLEPTVIDEVRT
GTYRQLFHPEQLITGKEDAANNYARGHYTIGKEIIDLVLDRIRKLADQCTGLQGFLVFHSFGGGTGSGFTSLLMERLSVD
YGKKSKLEFSIYPAPQVSTAVVEPYNSILTTHTTLEHSDCAFMVDNEAIYDICRRNLDIERPTYTNLNRLISQIVSSITA
SLRFDGALNVDLTEFQTNLVPYPRIHFPLATYAPVISAEKAYHEQLSVAEITNACFEPANQMVKCDPRHGKYMACCLLYR
GDVVPKDVNAAIATIKTKRTIQFVDWCPTGFKVGINYQPPTVVPGGDLAKVQRAVCMLSNTTAIAEAWARLDHKFDLMYA
KRAFVHWYVGEGMEEGEFSEAREDMAALEKDYEEVGV
;
A
2 'polypeptide(L)'
;MREIVHIQAGQCGNQIGAKFWEVISDEHGIDPTGSYHGDSDLQLERINVYYNEAAGNKYVPRAILVDLEPGTMDSVRSGP
FGQIFRPDNFVFGQSGAGNNWAKGHYTEGAELVDSVLDVVRKESESCDCLQGFQLTHSLGGGTGSGMGTLLISKIREEYP
DRIMNTFSVVPSPKVSDTVVEPYNATLSVHQLVENTDETYCIDNEALYDICFRTLKLTTPTYGDLNHLVSATMSGVTTCL
RFPGQLNADLRKLAVNMVPFPRLHFFMPGFAPLTSRGSQQYRALTVPELTQQMFDAKNMMAACDPRHGRYLTVAAVFRGR
MSMKEVDEQMLNVQNKNSSYFVEWIPNNVKTAVCDIPPRGLKMSATFIGNSTAIQELFKRISEQFTAMFRRKAFLHWYTG
EGMDEMEFTEAESNMNDLVSEYQQYQ
;
B
#
# COMPACT_ATOMS: atom_id res chain seq x y z
N MET A 1 -5.60 37.42 15.16
CA MET A 1 -6.41 36.34 15.84
C MET A 1 -5.75 34.95 15.87
N ARG A 2 -6.41 34.03 16.56
CA ARG A 2 -5.98 32.65 16.70
C ARG A 2 -6.20 31.93 15.36
N GLU A 3 -5.22 32.06 14.47
CA GLU A 3 -5.37 31.77 13.05
C GLU A 3 -4.22 30.88 12.56
N CYS A 4 -4.56 29.74 11.96
CA CYS A 4 -3.60 28.64 11.78
C CYS A 4 -3.71 27.84 10.48
N ILE A 5 -2.71 26.98 10.29
CA ILE A 5 -2.53 26.15 9.10
C ILE A 5 -2.53 24.65 9.43
N SER A 6 -2.96 23.85 8.45
CA SER A 6 -2.88 22.38 8.52
C SER A 6 -1.96 21.72 7.47
N ILE A 7 -1.58 20.47 7.75
CA ILE A 7 -0.71 19.66 6.88
C ILE A 7 -1.34 18.28 6.72
N HIS A 8 -1.57 17.86 5.48
CA HIS A 8 -2.11 16.54 5.16
C HIS A 8 -1.18 15.86 4.17
N VAL A 9 -0.55 14.75 4.60
CA VAL A 9 0.59 14.14 3.91
C VAL A 9 0.42 12.64 3.80
N GLY A 10 0.72 12.12 2.61
CA GLY A 10 0.52 10.71 2.27
C GLY A 10 -0.92 10.43 1.89
N GLN A 11 -1.19 9.20 1.45
CA GLN A 11 -2.50 8.86 0.90
C GLN A 11 -3.56 9.05 1.97
N ALA A 12 -3.31 8.38 3.08
CA ALA A 12 -4.23 8.34 4.22
C ALA A 12 -4.51 9.75 4.71
N GLY A 13 -3.42 10.50 4.87
CA GLY A 13 -3.48 11.88 5.34
C GLY A 13 -4.35 12.72 4.43
N VAL A 14 -4.12 12.56 3.13
CA VAL A 14 -4.87 13.31 2.10
C VAL A 14 -6.35 12.98 2.21
N GLN A 15 -6.65 11.69 2.38
CA GLN A 15 -8.03 11.24 2.50
C GLN A 15 -8.70 11.90 3.69
N ILE A 16 -7.98 11.90 4.80
CA ILE A 16 -8.47 12.47 6.06
C ILE A 16 -8.77 13.96 5.86
N GLY A 17 -7.84 14.63 5.19
CA GLY A 17 -7.88 16.03 4.91
C GLY A 17 -9.08 16.35 4.10
N ASN A 18 -9.43 15.52 3.10
CA ASN A 18 -10.62 15.79 2.27
C ASN A 18 -11.87 15.90 3.13
N ALA A 19 -11.99 14.90 4.00
CA ALA A 19 -13.12 14.79 4.92
C ALA A 19 -13.19 16.00 5.82
N CYS A 20 -12.02 16.38 6.35
CA CYS A 20 -11.87 17.52 7.23
C CYS A 20 -12.37 18.79 6.55
N TRP A 21 -11.93 18.95 5.30
CA TRP A 21 -12.28 20.15 4.54
C TRP A 21 -13.77 20.19 4.30
N GLU A 22 -14.36 19.03 3.99
CA GLU A 22 -15.80 18.91 3.77
C GLU A 22 -16.56 19.37 5.03
N LEU A 23 -16.07 18.87 6.18
CA LEU A 23 -16.68 19.17 7.46
C LEU A 23 -16.62 20.68 7.73
N TYR A 24 -15.46 21.26 7.44
CA TYR A 24 -15.24 22.69 7.65
C TYR A 24 -16.20 23.49 6.78
N CYS A 25 -16.37 23.06 5.54
CA CYS A 25 -17.27 23.72 4.60
C CYS A 25 -18.69 23.70 5.13
N LEU A 26 -19.10 22.55 5.68
CA LEU A 26 -20.42 22.42 6.29
C LEU A 26 -20.58 23.42 7.44
N GLU A 27 -19.58 23.40 8.33
CA GLU A 27 -19.61 24.18 9.56
C GLU A 27 -19.71 25.67 9.29
N HIS A 28 -18.81 26.20 8.47
CA HIS A 28 -18.70 27.66 8.29
C HIS A 28 -19.59 28.21 7.18
N GLY A 29 -20.48 27.36 6.64
CA GLY A 29 -21.43 27.77 5.62
C GLY A 29 -20.88 27.82 4.21
N ILE A 30 -19.60 27.49 4.02
CA ILE A 30 -18.93 27.66 2.73
C ILE A 30 -19.43 26.57 1.78
N GLN A 31 -19.70 26.98 0.55
CA GLN A 31 -20.13 26.07 -0.52
C GLN A 31 -18.86 25.49 -1.13
N PRO A 32 -18.92 24.25 -1.67
CA PRO A 32 -17.73 23.65 -2.31
C PRO A 32 -16.92 24.53 -3.27
N ASP A 33 -17.54 25.58 -3.81
CA ASP A 33 -16.86 26.53 -4.71
C ASP A 33 -16.23 27.75 -4.02
N GLY A 34 -16.41 27.88 -2.71
CA GLY A 34 -15.83 28.98 -1.93
C GLY A 34 -16.78 30.09 -1.48
N GLN A 35 -18.07 30.00 -1.81
CA GLN A 35 -19.06 31.04 -1.50
C GLN A 35 -19.77 30.77 -0.17
N MET A 36 -20.05 31.82 0.59
CA MET A 36 -20.99 31.76 1.72
C MET A 36 -22.38 32.19 1.20
N ASP A 47 -18.51 33.70 9.79
CA ASP A 47 -17.95 34.94 10.33
C ASP A 47 -16.50 34.74 10.74
N SER A 48 -16.28 33.78 11.64
CA SER A 48 -14.97 33.50 12.21
C SER A 48 -14.23 32.35 11.51
N PHE A 49 -14.81 31.82 10.43
CA PHE A 49 -14.15 30.90 9.49
C PHE A 49 -12.65 31.13 9.26
N ASN A 50 -12.25 32.40 9.21
CA ASN A 50 -10.92 32.81 8.72
C ASN A 50 -9.67 32.26 9.42
N THR A 51 -9.85 31.54 10.53
CA THR A 51 -8.73 30.85 11.21
C THR A 51 -7.98 29.95 10.25
N PHE A 52 -8.73 29.14 9.50
CA PHE A 52 -8.16 28.28 8.47
C PHE A 52 -8.20 28.96 7.11
N PHE A 53 -9.40 29.34 6.68
CA PHE A 53 -9.61 29.95 5.38
C PHE A 53 -9.07 31.38 5.37
N SER A 54 -7.78 31.55 5.06
CA SER A 54 -7.16 32.89 4.98
C SER A 54 -7.96 33.78 4.03
N GLU A 55 -8.37 34.95 4.53
CA GLU A 55 -9.24 35.87 3.78
C GLU A 55 -8.71 36.17 2.37
N THR A 56 -9.65 36.32 1.44
CA THR A 56 -9.37 36.15 0.01
C THR A 56 -9.70 37.37 -0.85
N GLY A 57 -9.30 37.30 -2.12
CA GLY A 57 -9.39 38.42 -3.05
C GLY A 57 -10.80 38.80 -3.44
N ALA A 58 -11.42 37.98 -4.29
CA ALA A 58 -12.76 38.24 -4.82
C ALA A 58 -13.91 37.79 -3.90
N GLY A 59 -13.59 37.29 -2.70
CA GLY A 59 -14.59 36.86 -1.73
C GLY A 59 -14.60 35.36 -1.48
N LYS A 60 -14.21 34.57 -2.49
CA LYS A 60 -14.30 33.11 -2.40
C LYS A 60 -13.15 32.59 -1.56
N HIS A 61 -13.49 31.86 -0.49
CA HIS A 61 -12.53 31.45 0.52
C HIS A 61 -11.65 30.28 0.07
N VAL A 62 -10.40 30.33 0.52
CA VAL A 62 -9.39 29.33 0.20
C VAL A 62 -8.69 28.89 1.48
N PRO A 63 -8.65 27.57 1.74
CA PRO A 63 -8.07 27.05 2.98
C PRO A 63 -6.57 27.26 3.14
N ARG A 64 -6.08 27.06 4.36
CA ARG A 64 -4.64 26.99 4.65
C ARG A 64 -4.32 25.57 5.07
N ALA A 65 -4.02 24.74 4.07
CA ALA A 65 -3.56 23.39 4.30
C ALA A 65 -2.45 23.01 3.34
N VAL A 66 -1.46 22.30 3.89
CA VAL A 66 -0.36 21.71 3.11
C VAL A 66 -0.86 20.33 2.69
N PHE A 67 -1.03 20.12 1.38
CA PHE A 67 -1.42 18.81 0.83
C PHE A 67 -0.25 18.23 0.03
N VAL A 68 0.27 17.11 0.50
CA VAL A 68 1.51 16.52 -0.03
C VAL A 68 1.30 15.02 -0.25
N ASP A 69 1.66 14.55 -1.42
CA ASP A 69 1.73 13.12 -1.67
C ASP A 69 2.71 12.86 -2.79
N LEU A 70 3.70 12.01 -2.50
CA LEU A 70 4.68 11.56 -3.49
C LEU A 70 4.02 10.57 -4.44
N GLU A 71 2.99 9.88 -3.94
CA GLU A 71 1.98 9.24 -4.78
C GLU A 71 1.24 10.35 -5.53
N PRO A 72 1.21 10.31 -6.87
CA PRO A 72 0.35 11.26 -7.58
C PRO A 72 -1.16 11.01 -7.42
N THR A 73 -1.55 9.75 -7.28
CA THR A 73 -2.88 9.29 -7.66
C THR A 73 -3.96 9.90 -6.79
N VAL A 74 -3.71 9.88 -5.48
CA VAL A 74 -4.69 10.32 -4.50
C VAL A 74 -4.95 11.83 -4.70
N ILE A 75 -3.87 12.57 -4.83
CA ILE A 75 -4.00 14.03 -5.00
C ILE A 75 -4.61 14.32 -6.36
N ASP A 76 -4.30 13.52 -7.38
CA ASP A 76 -4.92 13.67 -8.70
C ASP A 76 -6.44 13.53 -8.59
N GLU A 77 -6.88 12.55 -7.81
CA GLU A 77 -8.30 12.31 -7.56
C GLU A 77 -8.95 13.55 -6.96
N VAL A 78 -8.27 14.12 -5.98
CA VAL A 78 -8.73 15.33 -5.29
C VAL A 78 -8.89 16.47 -6.28
N ARG A 79 -7.88 16.61 -7.13
CA ARG A 79 -7.84 17.65 -8.16
C ARG A 79 -8.93 17.56 -9.23
N THR A 80 -9.60 16.42 -9.34
CA THR A 80 -10.78 16.25 -10.20
C THR A 80 -12.06 15.91 -9.40
N GLY A 81 -12.07 16.25 -8.11
CA GLY A 81 -13.20 15.96 -7.23
C GLY A 81 -14.22 17.09 -7.22
N THR A 82 -15.03 17.11 -6.17
CA THR A 82 -16.00 18.18 -5.95
C THR A 82 -15.32 19.30 -5.19
N TYR A 83 -14.73 18.97 -4.04
CA TYR A 83 -13.87 19.90 -3.30
C TYR A 83 -12.57 20.07 -4.07
N ARG A 84 -12.64 20.93 -5.09
CA ARG A 84 -11.62 21.01 -6.14
C ARG A 84 -11.04 22.43 -6.26
N GLN A 85 -11.80 23.34 -6.87
CA GLN A 85 -11.40 24.76 -6.96
C GLN A 85 -11.23 25.43 -5.59
N LEU A 86 -11.93 24.92 -4.58
CA LEU A 86 -11.70 25.29 -3.18
C LEU A 86 -10.21 25.39 -2.89
N PHE A 87 -9.49 24.31 -3.19
CA PHE A 87 -8.05 24.23 -2.98
C PHE A 87 -7.28 25.12 -3.96
N HIS A 88 -6.18 25.67 -3.46
CA HIS A 88 -5.16 26.31 -4.29
C HIS A 88 -4.41 25.19 -5.00
N PRO A 89 -4.06 25.37 -6.29
CA PRO A 89 -3.14 24.45 -6.98
C PRO A 89 -1.85 24.06 -6.25
N GLU A 90 -1.28 24.98 -5.48
CA GLU A 90 0.04 24.81 -4.86
C GLU A 90 -0.02 24.09 -3.53
N GLN A 91 -1.04 24.40 -2.72
CA GLN A 91 -1.32 23.68 -1.48
C GLN A 91 -1.28 22.16 -1.66
N LEU A 92 -1.82 21.70 -2.78
CA LEU A 92 -1.67 20.32 -3.23
C LEU A 92 -0.34 20.18 -3.96
N ILE A 93 0.46 19.18 -3.56
CA ILE A 93 1.81 18.99 -4.10
C ILE A 93 1.88 17.58 -4.69
N THR A 94 2.72 17.41 -5.71
CA THR A 94 2.89 16.12 -6.38
C THR A 94 4.35 15.83 -6.69
N GLY A 95 4.64 14.55 -6.99
CA GLY A 95 5.98 14.08 -7.28
C GLY A 95 5.96 13.06 -8.40
N LYS A 96 6.21 11.79 -8.06
CA LYS A 96 6.27 10.72 -9.08
C LYS A 96 5.88 9.32 -8.60
N GLU A 97 6.48 8.84 -7.51
CA GLU A 97 6.26 7.48 -7.04
C GLU A 97 6.25 7.35 -5.53
N ASP A 98 5.54 6.32 -5.05
CA ASP A 98 5.50 6.01 -3.62
C ASP A 98 6.87 5.64 -3.08
N ALA A 99 7.02 5.79 -1.77
CA ALA A 99 8.09 5.12 -1.05
C ALA A 99 7.86 3.62 -1.08
N ALA A 100 6.59 3.23 -0.93
CA ALA A 100 6.13 1.85 -0.90
C ALA A 100 6.47 1.30 0.49
N ASN A 101 5.93 1.99 1.49
CA ASN A 101 6.20 1.71 2.89
C ASN A 101 7.69 1.70 3.22
N ASN A 102 8.45 2.54 2.52
CA ASN A 102 9.90 2.60 2.67
C ASN A 102 10.34 3.89 3.36
N TYR A 103 10.54 3.83 4.68
CA TYR A 103 10.99 4.99 5.47
C TYR A 103 12.18 5.70 4.84
N ALA A 104 13.10 4.92 4.25
CA ALA A 104 14.28 5.47 3.60
C ALA A 104 14.00 6.02 2.19
N ARG A 105 12.93 6.80 2.05
CA ARG A 105 12.59 7.45 0.79
C ARG A 105 11.82 8.75 1.02
N GLY A 106 10.83 8.71 1.92
CA GLY A 106 10.28 9.92 2.51
C GLY A 106 11.38 10.72 3.20
N HIS A 107 12.22 10.03 3.96
CA HIS A 107 13.45 10.60 4.52
C HIS A 107 14.58 10.30 3.52
N TYR A 108 15.70 11.00 3.70
CA TYR A 108 16.95 10.72 2.97
C TYR A 108 16.90 10.95 1.45
N THR A 109 16.36 9.98 0.70
CA THR A 109 16.60 9.91 -0.74
C THR A 109 15.70 10.83 -1.59
N ILE A 110 14.41 10.51 -1.68
CA ILE A 110 13.48 11.14 -2.62
C ILE A 110 12.78 12.36 -2.04
N GLY A 111 12.42 12.32 -0.76
CA GLY A 111 11.78 13.42 -0.08
C GLY A 111 12.65 14.67 0.02
N LYS A 112 13.95 14.48 0.28
CA LYS A 112 14.90 15.58 0.26
C LYS A 112 15.08 16.06 -1.18
N GLU A 113 14.13 16.90 -1.59
CA GLU A 113 13.91 17.33 -2.99
C GLU A 113 12.61 18.15 -3.04
N ILE A 114 11.53 17.53 -2.57
CA ILE A 114 10.21 18.15 -2.48
C ILE A 114 10.09 18.98 -1.21
N ILE A 115 10.74 18.55 -0.13
CA ILE A 115 10.59 19.11 1.18
C ILE A 115 10.78 20.63 1.19
N ASP A 116 11.73 21.09 0.37
CA ASP A 116 12.03 22.51 0.24
C ASP A 116 10.79 23.28 -0.22
N LEU A 117 10.14 22.72 -1.23
CA LEU A 117 8.94 23.29 -1.82
C LEU A 117 7.85 23.42 -0.75
N VAL A 118 7.69 22.34 0.01
CA VAL A 118 6.69 22.27 1.08
C VAL A 118 6.96 23.38 2.10
N LEU A 119 8.23 23.51 2.46
CA LEU A 119 8.66 24.52 3.44
C LEU A 119 8.32 25.91 2.95
N ASP A 120 8.60 26.15 1.67
CA ASP A 120 8.30 27.43 1.01
C ASP A 120 6.82 27.75 1.12
N ARG A 121 6.02 26.73 0.80
CA ARG A 121 4.55 26.85 0.83
C ARG A 121 4.09 27.25 2.24
N ILE A 122 4.66 26.56 3.22
CA ILE A 122 4.33 26.77 4.63
C ILE A 122 4.65 28.21 5.01
N ARG A 123 5.83 28.68 4.58
CA ARG A 123 6.29 30.03 4.85
C ARG A 123 5.31 31.04 4.29
N LYS A 124 4.90 30.79 3.05
CA LYS A 124 3.97 31.67 2.36
C LYS A 124 2.65 31.76 3.15
N LEU A 125 2.18 30.59 3.59
CA LEU A 125 0.93 30.52 4.35
C LEU A 125 1.05 31.33 5.65
N ALA A 126 2.19 31.18 6.30
CA ALA A 126 2.49 31.88 7.55
C ALA A 126 2.44 33.39 7.33
N ASP A 127 3.03 33.82 6.22
CA ASP A 127 3.00 35.23 5.83
C ASP A 127 1.61 35.88 5.83
N GLN A 128 0.51 35.11 5.84
CA GLN A 128 -0.84 35.66 6.01
C GLN A 128 -1.32 35.78 7.47
N CYS A 129 -0.76 34.96 8.37
CA CYS A 129 -1.15 34.97 9.79
C CYS A 129 -0.74 36.25 10.51
N THR A 130 -1.61 36.68 11.43
CA THR A 130 -1.35 37.81 12.31
C THR A 130 -1.26 37.28 13.74
N GLY A 131 -0.56 36.17 13.92
CA GLY A 131 -0.60 35.38 15.15
C GLY A 131 -0.79 33.91 14.83
N LEU A 132 0.26 33.32 14.24
CA LEU A 132 0.25 31.91 13.85
C LEU A 132 0.41 31.04 15.09
N GLN A 133 -0.68 30.44 15.56
CA GLN A 133 -0.66 29.63 16.78
C GLN A 133 0.00 28.26 16.57
N GLY A 134 0.06 27.79 15.32
CA GLY A 134 0.82 26.59 14.99
C GLY A 134 0.29 25.78 13.81
N PHE A 135 0.48 24.47 13.90
CA PHE A 135 0.14 23.52 12.83
C PHE A 135 -0.68 22.32 13.27
N LEU A 136 -1.35 21.73 12.29
CA LEU A 136 -1.94 20.39 12.40
C LEU A 136 -1.40 19.52 11.28
N VAL A 137 -0.84 18.36 11.64
CA VAL A 137 -0.14 17.46 10.70
C VAL A 137 -0.83 16.09 10.67
N PHE A 138 -1.09 15.60 9.46
CA PHE A 138 -1.77 14.32 9.25
C PHE A 138 -0.86 13.37 8.46
N HIS A 139 -0.50 12.24 9.08
CA HIS A 139 0.43 11.28 8.50
C HIS A 139 0.02 9.86 8.88
N SER A 140 0.96 8.91 8.93
CA SER A 140 0.68 7.54 9.33
C SER A 140 1.91 6.92 9.93
N PHE A 141 1.86 6.53 11.20
CA PHE A 141 2.85 5.62 11.77
C PHE A 141 2.79 4.28 11.01
N GLY A 142 3.41 4.22 9.84
CA GLY A 142 3.37 3.00 9.02
C GLY A 142 3.58 3.22 7.53
N GLY A 143 2.73 4.06 6.95
CA GLY A 143 2.80 4.36 5.52
C GLY A 143 4.10 5.05 5.14
N GLY A 144 4.70 4.66 4.03
CA GLY A 144 6.08 5.01 3.69
C GLY A 144 6.35 6.48 3.51
N THR A 145 5.51 7.13 2.71
CA THR A 145 5.57 8.57 2.52
C THR A 145 5.32 9.23 3.86
N GLY A 146 4.11 9.11 4.38
CA GLY A 146 3.70 9.82 5.58
C GLY A 146 4.24 9.20 6.84
N SER A 147 5.56 9.24 6.99
CA SER A 147 6.22 8.72 8.19
C SER A 147 7.69 9.16 8.19
N GLY A 148 8.35 8.85 7.08
CA GLY A 148 9.72 9.34 6.84
C GLY A 148 9.64 10.80 6.44
N PHE A 149 8.84 11.01 5.39
CA PHE A 149 8.70 12.36 4.80
C PHE A 149 8.17 13.32 5.84
N THR A 150 7.14 12.88 6.56
CA THR A 150 6.54 13.74 7.58
C THR A 150 7.52 14.07 8.66
N SER A 151 8.32 13.07 9.06
CA SER A 151 9.37 13.27 10.07
C SER A 151 10.33 14.36 9.61
N LEU A 152 10.75 14.23 8.36
CA LEU A 152 11.68 15.17 7.73
C LEU A 152 11.12 16.59 7.78
N LEU A 153 9.84 16.68 7.41
CA LEU A 153 9.12 17.95 7.35
C LEU A 153 9.09 18.59 8.73
N MET A 154 8.78 17.76 9.73
CA MET A 154 8.68 18.23 11.11
C MET A 154 10.01 18.76 11.57
N GLU A 155 11.08 18.05 11.23
CA GLU A 155 12.45 18.43 11.58
C GLU A 155 12.75 19.82 11.00
N ARG A 156 12.39 19.97 9.73
CA ARG A 156 12.63 21.22 9.00
C ARG A 156 11.89 22.38 9.69
N LEU A 157 10.64 22.10 10.05
CA LEU A 157 9.79 23.08 10.70
C LEU A 157 10.39 23.51 12.03
N SER A 158 10.91 22.54 12.78
CA SER A 158 11.57 22.80 14.06
C SER A 158 12.67 23.87 13.93
N VAL A 159 13.44 23.83 12.84
CA VAL A 159 14.47 24.84 12.57
C VAL A 159 13.85 26.22 12.27
N ASP A 160 12.79 26.23 11.46
CA ASP A 160 12.16 27.46 10.95
C ASP A 160 11.04 28.06 11.81
N TYR A 161 10.49 27.27 12.75
CA TYR A 161 9.45 27.74 13.68
C TYR A 161 9.62 27.04 15.04
N GLY A 162 10.47 27.62 15.88
CA GLY A 162 10.79 27.06 17.19
C GLY A 162 9.68 27.20 18.24
N LYS A 163 9.05 28.37 18.25
CA LYS A 163 8.00 28.68 19.24
C LYS A 163 6.59 28.22 18.86
N LYS A 164 6.39 27.79 17.61
CA LYS A 164 5.06 27.44 17.11
C LYS A 164 4.76 25.97 17.34
N SER A 165 3.58 25.70 17.90
CA SER A 165 3.09 24.35 18.13
C SER A 165 2.93 23.58 16.83
N LYS A 166 3.27 22.29 16.87
CA LYS A 166 3.11 21.39 15.74
C LYS A 166 2.41 20.12 16.21
N LEU A 167 1.08 20.11 16.06
CA LEU A 167 0.26 18.97 16.46
C LEU A 167 0.16 18.00 15.29
N GLU A 168 0.15 16.70 15.63
CA GLU A 168 0.10 15.62 14.65
C GLU A 168 -1.08 14.68 14.91
N PHE A 169 -1.75 14.29 13.82
CA PHE A 169 -2.80 13.27 13.84
C PHE A 169 -2.28 12.01 13.16
N SER A 170 -2.29 10.91 13.91
CA SER A 170 -1.44 9.75 13.63
C SER A 170 -2.27 8.47 13.54
N ILE A 171 -1.87 7.63 12.58
CA ILE A 171 -2.53 6.38 12.29
C ILE A 171 -1.63 5.22 12.74
N TYR A 172 -1.68 4.97 14.05
CA TYR A 172 -0.93 3.91 14.69
C TYR A 172 -1.47 2.56 14.15
N PRO A 173 -0.59 1.58 13.90
CA PRO A 173 -1.10 0.27 13.46
C PRO A 173 -1.58 -0.56 14.65
N ALA A 174 -2.77 -1.15 14.54
CA ALA A 174 -3.36 -1.96 15.62
C ALA A 174 -2.56 -3.25 15.81
N PRO A 175 -2.46 -3.74 17.07
CA PRO A 175 -1.68 -4.94 17.37
C PRO A 175 -1.90 -6.14 16.44
N GLN A 176 -3.16 -6.57 16.31
CA GLN A 176 -3.48 -7.83 15.61
C GLN A 176 -3.58 -7.62 14.11
N VAL A 177 -4.38 -6.63 13.70
CA VAL A 177 -4.64 -6.39 12.27
C VAL A 177 -3.44 -5.69 11.65
N SER A 178 -3.20 -5.96 10.36
CA SER A 178 -2.14 -5.29 9.61
C SER A 178 -2.57 -5.02 8.17
N THR A 179 -1.75 -4.23 7.48
CA THR A 179 -2.00 -3.83 6.10
C THR A 179 -0.82 -4.20 5.19
N ALA A 180 0.34 -3.61 5.48
CA ALA A 180 1.56 -3.82 4.72
C ALA A 180 2.64 -4.31 5.67
N VAL A 181 3.32 -5.40 5.32
CA VAL A 181 4.17 -6.10 6.28
C VAL A 181 5.61 -5.58 6.27
N VAL A 182 5.75 -4.27 6.35
CA VAL A 182 6.98 -3.62 6.84
C VAL A 182 6.66 -2.44 7.79
N GLU A 183 5.45 -2.41 8.36
CA GLU A 183 5.01 -1.34 9.27
C GLU A 183 5.87 -1.23 10.53
N PRO A 184 6.20 -2.36 11.18
CA PRO A 184 6.97 -2.31 12.43
C PRO A 184 8.29 -1.56 12.35
N TYR A 185 8.93 -1.56 11.17
CA TYR A 185 10.16 -0.79 10.98
C TYR A 185 9.84 0.69 10.93
N ASN A 186 8.90 0.98 10.01
CA ASN A 186 8.63 2.34 9.60
C ASN A 186 8.16 3.18 10.76
N SER A 187 7.21 2.61 11.50
CA SER A 187 6.60 3.26 12.66
C SER A 187 7.68 3.64 13.68
N ILE A 188 8.54 2.66 13.94
CA ILE A 188 9.61 2.83 14.92
C ILE A 188 10.55 3.95 14.47
N LEU A 189 10.87 3.95 13.19
CA LEU A 189 11.76 4.96 12.61
C LEU A 189 11.15 6.34 12.79
N THR A 190 9.86 6.43 12.51
CA THR A 190 9.11 7.69 12.64
C THR A 190 9.17 8.20 14.06
N THR A 191 8.95 7.27 15.00
CA THR A 191 8.98 7.58 16.43
C THR A 191 10.33 8.14 16.82
N HIS A 192 11.38 7.49 16.32
CA HIS A 192 12.74 7.93 16.58
C HIS A 192 12.98 9.36 16.10
N THR A 193 12.52 9.69 14.90
CA THR A 193 12.81 11.00 14.30
C THR A 193 11.72 12.07 14.45
N THR A 194 10.50 11.67 14.82
CA THR A 194 9.44 12.63 15.13
C THR A 194 9.66 13.18 16.55
N LEU A 195 9.71 12.26 17.50
CA LEU A 195 9.82 12.53 18.95
C LEU A 195 10.15 13.96 19.38
N GLU A 196 11.32 14.43 18.99
CA GLU A 196 11.88 15.70 19.51
C GLU A 196 11.47 16.96 18.73
N HIS A 197 10.77 16.80 17.61
CA HIS A 197 10.37 17.92 16.75
C HIS A 197 8.88 18.25 16.82
N SER A 198 8.04 17.25 17.03
CA SER A 198 6.62 17.47 17.32
C SER A 198 6.41 17.82 18.79
N ASP A 199 5.25 18.41 19.06
CA ASP A 199 4.79 18.69 20.42
C ASP A 199 3.79 17.63 20.86
N CYS A 200 2.76 17.43 20.05
CA CYS A 200 1.68 16.48 20.33
C CYS A 200 1.38 15.60 19.13
N ALA A 201 1.10 14.33 19.40
CA ALA A 201 0.80 13.33 18.38
C ALA A 201 -0.47 12.57 18.75
N PHE A 202 -1.60 13.04 18.24
CA PHE A 202 -2.91 12.44 18.53
C PHE A 202 -3.05 11.20 17.68
N MET A 203 -3.14 10.02 18.32
CA MET A 203 -3.06 8.73 17.65
C MET A 203 -4.40 7.99 17.70
N VAL A 204 -4.78 7.47 16.54
CA VAL A 204 -6.01 6.68 16.38
C VAL A 204 -5.72 5.39 15.62
N ASP A 205 -6.15 4.26 16.19
CA ASP A 205 -6.04 2.95 15.54
C ASP A 205 -7.21 2.83 14.59
N ASN A 206 -7.33 1.67 13.94
CA ASN A 206 -8.43 1.36 13.05
C ASN A 206 -9.30 0.24 13.56
N GLU A 207 -8.69 -0.74 14.22
CA GLU A 207 -9.41 -1.86 14.84
C GLU A 207 -10.43 -1.34 15.84
N ALA A 208 -9.97 -0.40 16.68
CA ALA A 208 -10.81 0.22 17.70
C ALA A 208 -12.01 0.89 17.06
N ILE A 209 -11.74 1.63 15.99
CA ILE A 209 -12.78 2.34 15.26
C ILE A 209 -13.81 1.36 14.72
N TYR A 210 -13.32 0.26 14.16
CA TYR A 210 -14.18 -0.78 13.61
C TYR A 210 -15.08 -1.36 14.69
N ASP A 211 -14.49 -1.61 15.85
CA ASP A 211 -15.21 -2.14 17.02
C ASP A 211 -16.34 -1.19 17.41
N ILE A 212 -15.99 0.10 17.45
CA ILE A 212 -16.94 1.16 17.81
C ILE A 212 -18.12 1.15 16.83
N CYS A 213 -17.78 1.04 15.55
CA CYS A 213 -18.78 1.03 14.48
C CYS A 213 -19.73 -0.15 14.66
N ARG A 214 -19.15 -1.32 14.96
CA ARG A 214 -19.94 -2.52 15.14
C ARG A 214 -20.88 -2.38 16.33
N ARG A 215 -20.39 -1.89 17.46
CA ARG A 215 -21.20 -1.79 18.67
C ARG A 215 -22.03 -0.52 18.69
N ASN A 216 -21.35 0.63 18.75
CA ASN A 216 -21.98 1.90 19.06
C ASN A 216 -22.84 2.46 17.93
N LEU A 217 -22.30 2.52 16.71
CA LEU A 217 -23.04 3.05 15.56
C LEU A 217 -23.94 2.03 14.86
N ASP A 218 -23.85 0.75 15.23
CA ASP A 218 -24.64 -0.32 14.61
C ASP A 218 -24.41 -0.40 13.09
N ILE A 219 -23.13 -0.43 12.70
CA ILE A 219 -22.73 -0.58 11.29
C ILE A 219 -21.67 -1.67 11.21
N GLU A 220 -21.92 -2.69 10.39
CA GLU A 220 -21.01 -3.84 10.23
C GLU A 220 -20.36 -3.91 8.84
N ARG A 221 -20.60 -2.91 7.98
CA ARG A 221 -19.99 -2.84 6.64
C ARG A 221 -19.37 -1.45 6.42
N PRO A 222 -18.28 -1.15 7.14
CA PRO A 222 -17.65 0.17 7.06
C PRO A 222 -16.73 0.32 5.85
N THR A 223 -16.27 1.54 5.63
CA THR A 223 -15.29 1.85 4.59
C THR A 223 -14.14 2.66 5.22
N TYR A 224 -13.25 3.18 4.39
CA TYR A 224 -12.30 4.20 4.82
C TYR A 224 -12.97 5.56 4.95
N THR A 225 -13.96 5.84 4.12
CA THR A 225 -14.65 7.12 4.08
C THR A 225 -15.25 7.45 5.46
N ASN A 226 -15.91 6.45 6.02
CA ASN A 226 -16.57 6.58 7.33
C ASN A 226 -15.53 6.93 8.39
N LEU A 227 -14.42 6.21 8.34
CA LEU A 227 -13.30 6.39 9.27
C LEU A 227 -12.79 7.82 9.19
N ASN A 228 -12.61 8.27 7.95
CA ASN A 228 -12.12 9.62 7.66
C ASN A 228 -13.04 10.66 8.26
N ARG A 229 -14.34 10.44 8.06
CA ARG A 229 -15.37 11.35 8.57
C ARG A 229 -15.28 11.43 10.09
N LEU A 230 -15.13 10.28 10.72
CA LEU A 230 -15.02 10.19 12.17
C LEU A 230 -13.80 11.01 12.66
N ILE A 231 -12.70 10.82 11.96
CA ILE A 231 -11.45 11.50 12.29
C ILE A 231 -11.64 13.02 12.18
N SER A 232 -12.30 13.42 11.10
CA SER A 232 -12.59 14.82 10.82
C SER A 232 -13.41 15.41 11.93
N GLN A 233 -14.41 14.67 12.43
CA GLN A 233 -15.25 15.11 13.53
C GLN A 233 -14.40 15.46 14.75
N ILE A 234 -13.50 14.54 15.06
CA ILE A 234 -12.57 14.69 16.20
C ILE A 234 -11.73 15.95 16.03
N VAL A 235 -11.22 16.11 14.81
CA VAL A 235 -10.39 17.26 14.47
C VAL A 235 -11.16 18.57 14.70
N SER A 236 -12.41 18.57 14.24
CA SER A 236 -13.30 19.72 14.37
C SER A 236 -13.50 20.07 15.83
N SER A 237 -13.73 19.02 16.63
CA SER A 237 -13.93 19.18 18.08
C SER A 237 -12.70 19.83 18.71
N ILE A 238 -11.52 19.32 18.30
CA ILE A 238 -10.24 19.82 18.79
C ILE A 238 -10.10 21.31 18.49
N THR A 239 -10.46 21.67 17.26
CA THR A 239 -10.17 23.01 16.74
C THR A 239 -11.20 24.10 17.03
N ALA A 240 -12.44 23.72 17.33
CA ALA A 240 -13.57 24.66 17.33
C ALA A 240 -13.46 25.88 18.25
N SER A 241 -12.66 25.78 19.31
CA SER A 241 -12.42 26.91 20.22
C SER A 241 -11.59 28.03 19.58
N LEU A 242 -10.81 27.71 18.55
CA LEU A 242 -10.08 28.73 17.76
C LEU A 242 -11.05 29.63 17.01
N ARG A 243 -12.11 29.00 16.49
CA ARG A 243 -12.94 29.60 15.44
C ARG A 243 -14.16 30.24 16.08
N PHE A 244 -14.99 29.44 16.73
CA PHE A 244 -16.22 29.94 17.34
C PHE A 244 -16.01 30.41 18.76
N ASP A 245 -17.04 31.09 19.28
CA ASP A 245 -17.09 31.52 20.69
C ASP A 245 -17.16 30.33 21.66
N GLY A 246 -17.06 30.63 22.95
CA GLY A 246 -17.19 29.60 23.97
C GLY A 246 -17.20 30.11 25.40
N ALA A 247 -17.72 29.29 26.29
CA ALA A 247 -17.61 29.53 27.73
C ALA A 247 -16.14 29.54 28.12
N LEU A 248 -15.48 28.44 27.76
CA LEU A 248 -14.05 28.26 27.99
C LEU A 248 -13.40 27.88 26.66
N ASN A 249 -12.41 28.68 26.23
CA ASN A 249 -11.75 28.50 24.93
C ASN A 249 -10.38 27.87 25.06
N VAL A 250 -10.23 26.68 24.48
CA VAL A 250 -8.97 25.95 24.45
C VAL A 250 -8.24 26.26 23.14
N ASP A 251 -7.24 27.12 23.23
CA ASP A 251 -6.30 27.36 22.11
C ASP A 251 -5.31 26.19 21.90
N LEU A 252 -4.86 26.03 20.65
CA LEU A 252 -3.86 25.02 20.28
C LEU A 252 -2.69 24.86 21.25
N THR A 253 -2.20 25.98 21.77
CA THR A 253 -1.08 25.98 22.73
C THR A 253 -1.41 25.41 24.12
N GLU A 254 -2.70 25.32 24.47
CA GLU A 254 -3.11 24.63 25.71
C GLU A 254 -2.84 23.13 25.68
N PHE A 255 -2.97 22.53 24.50
CA PHE A 255 -2.74 21.08 24.34
C PHE A 255 -1.28 20.67 24.48
N GLN A 256 -0.37 21.62 24.44
CA GLN A 256 0.98 21.40 24.97
C GLN A 256 0.88 21.25 26.49
N THR A 257 0.41 22.31 27.12
CA THR A 257 0.63 22.54 28.54
C THR A 257 -0.33 21.77 29.47
N ASN A 258 -1.49 21.36 28.97
CA ASN A 258 -2.42 20.54 29.75
C ASN A 258 -2.40 19.04 29.38
N LEU A 259 -1.34 18.59 28.74
CA LEU A 259 -1.29 17.22 28.18
C LEU A 259 0.09 16.57 28.08
N VAL A 260 1.16 17.36 28.10
CA VAL A 260 2.52 16.87 28.03
C VAL A 260 3.15 17.05 29.41
N PRO A 261 3.02 16.05 30.30
CA PRO A 261 3.61 16.17 31.63
C PRO A 261 5.14 16.12 31.61
N TYR A 262 5.73 15.45 30.63
CA TYR A 262 7.17 15.46 30.42
C TYR A 262 7.48 15.55 28.92
N PRO A 263 8.62 16.18 28.56
CA PRO A 263 8.82 16.63 27.17
C PRO A 263 9.23 15.55 26.16
N ARG A 264 9.18 14.27 26.51
CA ARG A 264 9.24 13.17 25.55
C ARG A 264 7.88 12.50 25.37
N ILE A 265 7.01 12.55 26.39
CA ILE A 265 5.69 11.92 26.33
C ILE A 265 4.74 12.84 25.54
N HIS A 266 4.61 12.57 24.24
CA HIS A 266 3.90 13.44 23.32
C HIS A 266 2.67 12.82 22.70
N PHE A 267 2.21 11.70 23.25
CA PHE A 267 1.20 10.87 22.59
C PHE A 267 -0.06 10.83 23.44
N PRO A 268 -1.15 11.47 22.96
CA PRO A 268 -2.48 11.24 23.49
C PRO A 268 -3.42 10.45 22.59
N LEU A 269 -4.39 9.81 23.24
CA LEU A 269 -5.44 9.06 22.58
C LEU A 269 -6.64 9.96 22.40
N ALA A 270 -7.15 10.03 21.16
CA ALA A 270 -8.25 10.93 20.80
C ALA A 270 -9.52 10.14 20.61
N THR A 271 -10.53 10.43 21.44
CA THR A 271 -11.78 9.67 21.48
C THR A 271 -13.00 10.59 21.52
N TYR A 272 -14.07 10.12 20.88
CA TYR A 272 -15.27 10.93 20.61
C TYR A 272 -16.56 10.28 21.14
N ALA A 273 -17.48 11.13 21.57
CA ALA A 273 -18.81 10.70 22.00
C ALA A 273 -19.81 11.86 21.98
N PRO A 274 -21.10 11.56 21.73
CA PRO A 274 -21.70 10.26 21.47
C PRO A 274 -21.55 9.86 20.00
N VAL A 275 -21.17 8.60 19.78
CA VAL A 275 -21.00 8.03 18.45
C VAL A 275 -22.07 6.96 18.30
N ILE A 276 -23.32 7.40 18.32
CA ILE A 276 -24.47 6.51 18.22
C ILE A 276 -25.41 7.02 17.11
N SER A 277 -25.91 6.08 16.31
CA SER A 277 -26.78 6.38 15.17
C SER A 277 -28.18 6.78 15.64
N ALA A 278 -29.02 7.17 14.68
CA ALA A 278 -30.39 7.64 14.94
C ALA A 278 -31.33 6.62 15.61
N GLU A 279 -30.99 5.33 15.53
CA GLU A 279 -31.94 4.26 15.86
C GLU A 279 -32.18 4.16 17.37
N LYS A 280 -31.16 3.78 18.14
CA LYS A 280 -31.24 3.82 19.60
C LYS A 280 -30.53 5.06 20.18
N ALA A 281 -30.58 6.17 19.43
CA ALA A 281 -30.42 7.51 20.01
C ALA A 281 -31.70 7.92 20.73
N TYR A 282 -32.85 7.63 20.10
CA TYR A 282 -34.16 7.94 20.68
C TYR A 282 -34.55 6.96 21.78
N HIS A 283 -33.81 5.86 21.90
CA HIS A 283 -33.79 5.03 23.11
C HIS A 283 -32.70 5.49 24.11
N GLU A 284 -32.32 6.77 24.06
CA GLU A 284 -31.31 7.33 24.97
C GLU A 284 -31.55 8.80 25.29
N GLN A 285 -31.05 9.20 26.46
CA GLN A 285 -31.17 10.58 26.93
C GLN A 285 -30.11 11.46 26.30
N LEU A 286 -28.87 10.96 26.28
CA LEU A 286 -27.68 11.67 25.81
C LEU A 286 -27.34 12.87 26.70
N SER A 287 -27.37 12.65 28.01
CA SER A 287 -27.02 13.67 28.99
C SER A 287 -25.51 13.74 29.13
N VAL A 288 -25.05 14.80 29.79
CA VAL A 288 -23.63 15.15 29.85
C VAL A 288 -22.86 14.05 30.58
N ALA A 289 -23.42 13.65 31.71
CA ALA A 289 -22.81 12.65 32.59
C ALA A 289 -22.61 11.36 31.83
N GLU A 290 -23.65 10.95 31.11
CA GLU A 290 -23.63 9.70 30.32
C GLU A 290 -22.51 9.76 29.30
N ILE A 291 -22.42 10.90 28.62
CA ILE A 291 -21.40 11.10 27.59
C ILE A 291 -20.00 10.96 28.20
N THR A 292 -19.83 11.59 29.35
CA THR A 292 -18.56 11.55 30.07
C THR A 292 -18.18 10.11 30.41
N ASN A 293 -19.18 9.37 30.90
CA ASN A 293 -18.99 7.96 31.27
C ASN A 293 -18.55 7.16 30.06
N ALA A 294 -19.22 7.40 28.94
CA ALA A 294 -18.93 6.73 27.68
C ALA A 294 -17.49 6.98 27.26
N CYS A 295 -17.07 8.25 27.39
CA CYS A 295 -15.70 8.64 27.08
C CYS A 295 -14.65 7.81 27.83
N PHE A 296 -14.85 7.56 29.13
CA PHE A 296 -13.86 6.79 29.92
C PHE A 296 -13.99 5.25 29.86
N GLU A 297 -15.00 4.72 29.16
CA GLU A 297 -15.16 3.27 29.00
C GLU A 297 -14.12 2.69 28.03
N PRO A 298 -13.77 1.40 28.17
CA PRO A 298 -12.62 0.83 27.45
C PRO A 298 -12.80 0.71 25.94
N ALA A 299 -13.95 0.18 25.52
CA ALA A 299 -14.20 -0.15 24.12
C ALA A 299 -14.50 1.08 23.24
N ASN A 300 -15.02 2.14 23.84
CA ASN A 300 -15.31 3.38 23.12
C ASN A 300 -14.05 4.19 22.76
N GLN A 301 -12.92 3.87 23.39
CA GLN A 301 -11.62 4.47 23.06
C GLN A 301 -11.23 4.13 21.62
N MET A 302 -10.52 5.04 20.97
CA MET A 302 -10.16 4.89 19.55
C MET A 302 -8.76 4.31 19.32
N VAL A 303 -8.21 3.64 20.33
CA VAL A 303 -7.04 2.75 20.18
C VAL A 303 -7.27 1.43 20.92
N LYS A 304 -6.33 0.51 20.76
CA LYS A 304 -6.38 -0.76 21.47
C LYS A 304 -5.46 -0.75 22.70
N CYS A 305 -5.94 -0.07 23.73
CA CYS A 305 -5.41 -0.19 25.09
C CYS A 305 -6.55 -0.67 25.97
N ASP A 306 -6.19 -1.39 27.04
CA ASP A 306 -7.11 -1.59 28.15
C ASP A 306 -6.69 -0.49 29.14
N PRO A 307 -7.41 0.65 29.15
CA PRO A 307 -6.97 1.77 29.98
C PRO A 307 -7.03 1.49 31.47
N ARG A 308 -7.83 0.50 31.88
CA ARG A 308 -7.81 -0.02 33.25
C ARG A 308 -6.45 -0.61 33.63
N HIS A 309 -5.69 -1.07 32.62
CA HIS A 309 -4.27 -1.37 32.77
C HIS A 309 -3.42 -0.14 32.43
N GLY A 310 -3.47 0.88 33.29
CA GLY A 310 -2.62 2.06 33.15
C GLY A 310 -3.18 3.34 33.78
N LYS A 311 -2.34 4.02 34.58
CA LYS A 311 -2.75 5.22 35.29
C LYS A 311 -2.85 6.38 34.29
N TYR A 312 -3.88 7.22 34.45
CA TYR A 312 -4.01 8.45 33.63
C TYR A 312 -3.07 9.54 34.13
N MET A 313 -2.40 10.21 33.18
CA MET A 313 -1.48 11.30 33.48
C MET A 313 -2.21 12.62 33.38
N ALA A 314 -2.70 12.91 32.18
CA ALA A 314 -3.48 14.10 31.90
C ALA A 314 -4.63 13.74 30.97
N CYS A 315 -5.82 14.23 31.33
CA CYS A 315 -7.02 14.12 30.49
C CYS A 315 -7.57 15.50 30.15
N CYS A 316 -8.07 15.61 28.93
CA CYS A 316 -8.55 16.88 28.40
C CYS A 316 -9.84 16.65 27.62
N LEU A 317 -10.91 17.37 27.99
CA LEU A 317 -12.24 17.21 27.42
C LEU A 317 -12.73 18.49 26.74
N LEU A 318 -13.37 18.32 25.58
CA LEU A 318 -13.83 19.42 24.74
C LEU A 318 -15.32 19.30 24.43
N TYR A 319 -16.14 19.75 25.38
CA TYR A 319 -17.60 19.68 25.29
C TYR A 319 -18.12 20.71 24.27
N ARG A 320 -19.09 20.28 23.46
CA ARG A 320 -19.67 21.10 22.41
C ARG A 320 -21.18 21.08 22.45
N GLY A 321 -21.79 22.27 22.42
CA GLY A 321 -23.22 22.43 22.16
C GLY A 321 -23.99 23.00 23.34
N ASP A 322 -25.11 22.37 23.67
CA ASP A 322 -25.91 22.73 24.85
C ASP A 322 -25.27 22.06 26.06
N VAL A 323 -24.40 22.82 26.74
CA VAL A 323 -23.61 22.31 27.86
C VAL A 323 -23.63 23.31 29.01
N VAL A 324 -24.10 22.85 30.17
CA VAL A 324 -24.06 23.63 31.41
C VAL A 324 -22.88 23.12 32.25
N PRO A 325 -21.94 24.02 32.60
CA PRO A 325 -20.72 23.68 33.29
C PRO A 325 -20.92 22.92 34.57
N LYS A 326 -22.02 23.20 35.28
CA LYS A 326 -22.32 22.53 36.54
C LYS A 326 -22.38 21.01 36.35
N ASP A 327 -23.12 20.64 35.30
CA ASP A 327 -23.33 19.23 34.95
C ASP A 327 -21.98 18.57 34.67
N VAL A 328 -21.15 19.28 33.90
CA VAL A 328 -19.81 18.82 33.54
C VAL A 328 -18.99 18.55 34.78
N ASN A 329 -19.04 19.50 35.71
CA ASN A 329 -18.32 19.42 36.96
C ASN A 329 -18.73 18.18 37.74
N ALA A 330 -20.06 17.98 37.80
CA ALA A 330 -20.64 16.84 38.50
C ALA A 330 -20.12 15.54 37.92
N ALA A 331 -20.13 15.49 36.58
CA ALA A 331 -19.68 14.32 35.84
C ALA A 331 -18.22 14.01 36.18
N ILE A 332 -17.42 15.06 36.18
CA ILE A 332 -15.98 14.93 36.45
C ILE A 332 -15.77 14.41 37.86
N ALA A 333 -16.55 14.92 38.82
CA ALA A 333 -16.49 14.49 40.21
C ALA A 333 -16.79 13.00 40.31
N THR A 334 -17.84 12.59 39.60
CA THR A 334 -18.27 11.19 39.57
C THR A 334 -17.13 10.31 39.05
N ILE A 335 -16.51 10.77 37.98
CA ILE A 335 -15.40 10.05 37.34
C ILE A 335 -14.26 9.87 38.33
N LYS A 336 -13.95 10.96 39.03
CA LYS A 336 -12.89 10.99 40.04
C LYS A 336 -13.17 9.96 41.12
N THR A 337 -14.42 9.95 41.57
CA THR A 337 -14.88 9.00 42.59
C THR A 337 -14.61 7.54 42.17
N LYS A 338 -14.89 7.17 40.92
CA LYS A 338 -14.72 5.78 40.46
C LYS A 338 -13.34 5.19 40.75
N ARG A 339 -13.33 3.95 41.25
CA ARG A 339 -12.08 3.25 41.64
C ARG A 339 -11.28 2.72 40.44
N THR A 340 -11.97 2.31 39.37
CA THR A 340 -11.32 1.72 38.17
C THR A 340 -10.60 2.73 37.27
N ILE A 341 -11.01 3.99 37.31
CA ILE A 341 -10.39 5.05 36.50
C ILE A 341 -9.17 5.56 37.27
N GLN A 342 -8.04 4.89 37.09
CA GLN A 342 -6.86 5.12 37.91
C GLN A 342 -6.15 6.40 37.48
N PHE A 343 -5.43 7.00 38.42
CA PHE A 343 -4.67 8.22 38.18
C PHE A 343 -3.31 8.19 38.87
N VAL A 344 -2.37 8.98 38.36
CA VAL A 344 -1.00 9.00 38.87
C VAL A 344 -0.89 9.55 40.29
N ASP A 345 0.20 9.18 40.95
CA ASP A 345 0.54 9.65 42.31
C ASP A 345 0.75 11.16 42.35
N TRP A 346 1.25 11.73 41.25
CA TRP A 346 1.75 13.10 41.22
C TRP A 346 0.81 14.14 40.59
N CYS A 347 -0.39 13.76 40.18
CA CYS A 347 -1.32 14.71 39.53
C CYS A 347 -2.74 14.67 40.12
N PRO A 348 -3.13 15.72 40.87
CA PRO A 348 -4.48 15.80 41.42
C PRO A 348 -5.50 16.41 40.45
N THR A 349 -5.07 17.41 39.69
CA THR A 349 -5.96 18.16 38.81
C THR A 349 -5.94 17.52 37.44
N GLY A 350 -6.45 16.30 37.37
CA GLY A 350 -6.24 15.44 36.20
C GLY A 350 -6.94 15.82 34.92
N PHE A 351 -7.96 16.70 35.00
CA PHE A 351 -8.88 16.96 33.91
C PHE A 351 -8.85 18.42 33.48
N LYS A 352 -8.85 18.62 32.17
CA LYS A 352 -8.86 19.95 31.53
C LYS A 352 -10.10 20.05 30.63
N VAL A 353 -10.89 21.11 30.83
CA VAL A 353 -12.24 21.21 30.27
C VAL A 353 -12.38 22.41 29.36
N GLY A 354 -12.96 22.15 28.19
CA GLY A 354 -13.34 23.17 27.22
C GLY A 354 -14.80 23.01 26.83
N ILE A 355 -15.54 24.11 26.92
CA ILE A 355 -17.00 24.11 26.76
C ILE A 355 -17.34 25.18 25.73
N ASN A 356 -17.96 24.76 24.62
CA ASN A 356 -18.09 25.59 23.42
C ASN A 356 -19.54 25.69 22.99
N TYR A 357 -20.00 26.93 22.80
CA TYR A 357 -21.42 27.22 22.60
C TYR A 357 -21.97 26.69 21.28
N GLN A 358 -21.08 26.56 20.29
CA GLN A 358 -21.43 25.95 19.01
C GLN A 358 -21.43 24.43 19.14
N PRO A 359 -22.52 23.75 18.73
CA PRO A 359 -22.50 22.29 18.61
C PRO A 359 -21.81 21.73 17.36
N PRO A 360 -21.57 20.40 17.34
CA PRO A 360 -21.09 19.73 16.13
C PRO A 360 -22.13 19.71 15.02
N THR A 361 -21.64 19.60 13.79
CA THR A 361 -22.46 19.68 12.58
C THR A 361 -22.25 18.45 11.70
N VAL A 362 -23.37 17.90 11.22
CA VAL A 362 -23.43 16.59 10.59
C VAL A 362 -23.60 16.71 9.08
N VAL A 363 -22.79 15.93 8.36
CA VAL A 363 -22.71 15.98 6.90
C VAL A 363 -23.75 15.00 6.36
N PRO A 364 -24.24 15.22 5.12
CA PRO A 364 -25.04 14.21 4.43
C PRO A 364 -24.20 13.00 4.04
N GLY A 365 -24.60 11.82 4.49
CA GLY A 365 -23.83 10.58 4.31
C GLY A 365 -23.17 10.08 5.59
N GLY A 366 -22.75 11.03 6.44
CA GLY A 366 -22.21 10.70 7.76
C GLY A 366 -23.28 10.10 8.66
N ASP A 367 -22.99 8.92 9.20
CA ASP A 367 -23.99 8.12 9.91
C ASP A 367 -24.39 8.72 11.26
N LEU A 368 -23.44 9.36 11.93
CA LEU A 368 -23.68 9.92 13.26
C LEU A 368 -24.75 11.02 13.18
N ALA A 369 -25.88 10.79 13.86
CA ALA A 369 -27.05 11.68 13.77
C ALA A 369 -26.85 12.99 14.53
N LYS A 370 -27.82 13.88 14.39
CA LYS A 370 -27.74 15.22 14.99
C LYS A 370 -27.90 15.14 16.51
N VAL A 371 -26.96 15.73 17.23
CA VAL A 371 -26.94 15.72 18.68
C VAL A 371 -26.79 17.16 19.17
N GLN A 372 -27.61 17.54 20.15
CA GLN A 372 -27.51 18.88 20.76
C GLN A 372 -26.18 19.08 21.50
N ARG A 373 -25.60 17.99 22.03
CA ARG A 373 -24.35 18.04 22.76
C ARG A 373 -23.43 16.87 22.42
N ALA A 374 -22.13 17.17 22.35
CA ALA A 374 -21.09 16.16 22.11
C ALA A 374 -19.72 16.56 22.63
N VAL A 375 -18.84 15.57 22.73
CA VAL A 375 -17.54 15.70 23.39
C VAL A 375 -16.43 15.03 22.60
N CYS A 376 -15.24 15.61 22.68
CA CYS A 376 -13.99 14.94 22.30
C CYS A 376 -13.01 14.95 23.45
N MET A 377 -12.49 13.76 23.77
CA MET A 377 -11.56 13.54 24.88
C MET A 377 -10.16 13.18 24.40
N LEU A 378 -9.17 13.75 25.09
CA LEU A 378 -7.75 13.53 24.82
C LEU A 378 -7.07 13.05 26.10
N SER A 379 -6.34 11.95 26.01
CA SER A 379 -5.87 11.21 27.18
C SER A 379 -4.40 10.81 27.03
N ASN A 380 -3.61 11.09 28.07
CA ASN A 380 -2.27 10.52 28.25
C ASN A 380 -2.25 9.53 29.40
N THR A 381 -1.71 8.36 29.13
CA THR A 381 -1.62 7.30 30.12
C THR A 381 -0.43 6.36 29.92
N THR A 382 -0.08 5.68 31.00
CA THR A 382 0.83 4.56 30.92
C THR A 382 0.25 3.41 30.08
N ALA A 383 -1.08 3.35 29.95
CA ALA A 383 -1.75 2.34 29.11
C ALA A 383 -1.44 2.37 27.60
N ILE A 384 -0.86 3.46 27.11
CA ILE A 384 -0.42 3.52 25.71
C ILE A 384 0.85 2.68 25.52
N ALA A 385 1.60 2.51 26.61
CA ALA A 385 2.89 1.85 26.56
C ALA A 385 2.79 0.41 26.13
N GLU A 386 1.67 -0.25 26.39
CA GLU A 386 1.45 -1.65 26.00
C GLU A 386 1.64 -1.81 24.49
N ALA A 387 0.96 -0.91 23.78
CA ALA A 387 0.99 -0.90 22.31
C ALA A 387 2.41 -0.72 21.82
N TRP A 388 3.10 0.23 22.45
CA TRP A 388 4.51 0.54 22.11
C TRP A 388 5.36 -0.69 22.28
N ALA A 389 5.17 -1.37 23.40
CA ALA A 389 5.92 -2.58 23.74
C ALA A 389 5.70 -3.64 22.68
N ARG A 390 4.43 -3.81 22.29
CA ARG A 390 4.04 -4.78 21.27
C ARG A 390 4.78 -4.50 19.96
N LEU A 391 4.77 -3.21 19.60
CA LEU A 391 5.41 -2.74 18.38
C LEU A 391 6.89 -3.07 18.40
N ASP A 392 7.51 -2.79 19.54
CA ASP A 392 8.94 -3.03 19.77
C ASP A 392 9.25 -4.49 19.58
N HIS A 393 8.41 -5.33 20.17
CA HIS A 393 8.55 -6.79 20.11
C HIS A 393 8.51 -7.25 18.66
N LYS A 394 7.54 -6.72 17.93
CA LYS A 394 7.36 -7.03 16.50
C LYS A 394 8.62 -6.70 15.72
N PHE A 395 9.13 -5.50 15.99
CA PHE A 395 10.32 -4.99 15.33
C PHE A 395 11.51 -5.91 15.59
N ASP A 396 11.65 -6.29 16.86
CA ASP A 396 12.78 -7.12 17.28
C ASP A 396 12.71 -8.46 16.60
N LEU A 397 11.52 -9.03 16.53
CA LEU A 397 11.31 -10.33 15.89
C LEU A 397 11.68 -10.23 14.42
N MET A 398 11.26 -9.14 13.78
CA MET A 398 11.59 -8.92 12.37
C MET A 398 13.08 -8.80 12.14
N TYR A 399 13.70 -7.92 12.92
CA TYR A 399 15.07 -7.43 12.67
C TYR A 399 16.18 -8.45 12.93
N ALA A 400 15.96 -9.37 13.86
CA ALA A 400 16.99 -10.38 14.19
C ALA A 400 17.36 -11.27 13.00
N LYS A 401 16.37 -11.61 12.18
CA LYS A 401 16.60 -12.35 10.92
C LYS A 401 16.80 -11.43 9.72
N ARG A 402 16.89 -10.13 9.97
CA ARG A 402 17.22 -9.11 8.96
C ARG A 402 16.23 -9.08 7.80
N ALA A 403 14.95 -9.02 8.16
CA ALA A 403 13.85 -8.98 7.22
C ALA A 403 13.76 -7.62 6.58
N PHE A 404 13.94 -7.57 5.26
CA PHE A 404 13.70 -6.35 4.47
C PHE A 404 14.58 -5.16 4.87
N VAL A 405 15.70 -5.43 5.52
CA VAL A 405 16.58 -4.38 6.02
C VAL A 405 17.38 -3.81 4.87
N HIS A 406 17.81 -4.71 3.99
CA HIS A 406 18.56 -4.33 2.79
C HIS A 406 17.87 -3.32 1.87
N TRP A 407 16.53 -3.26 1.90
CA TRP A 407 15.81 -2.23 1.13
C TRP A 407 16.07 -0.82 1.66
N TYR A 408 15.86 -0.64 2.96
CA TYR A 408 16.09 0.68 3.58
C TYR A 408 17.57 1.03 3.56
N VAL A 409 18.40 0.05 3.92
CA VAL A 409 19.85 0.21 3.94
C VAL A 409 20.37 0.45 2.52
N GLY A 410 19.78 -0.24 1.54
CA GLY A 410 20.16 -0.09 0.14
C GLY A 410 19.85 1.26 -0.51
N GLU A 411 18.99 2.07 0.12
CA GLU A 411 18.70 3.41 -0.36
C GLU A 411 19.58 4.46 0.33
N GLY A 412 19.73 4.34 1.65
CA GLY A 412 20.65 5.22 2.39
C GLY A 412 20.41 5.26 3.87
N MET A 413 20.96 4.27 4.58
CA MET A 413 20.78 4.14 6.02
C MET A 413 21.89 3.33 6.70
N GLU A 414 22.08 3.59 7.99
CA GLU A 414 22.86 2.74 8.87
C GLU A 414 21.90 1.82 9.63
N GLU A 415 22.37 0.63 9.96
CA GLU A 415 21.58 -0.33 10.74
C GLU A 415 21.57 0.07 12.21
N GLY A 416 22.65 0.70 12.67
CA GLY A 416 22.74 1.29 13.99
C GLY A 416 21.59 2.22 14.31
N GLU A 417 21.00 2.85 13.28
CA GLU A 417 19.81 3.67 13.43
C GLU A 417 18.69 2.88 14.07
N PHE A 418 18.49 1.66 13.59
CA PHE A 418 17.46 0.75 14.06
C PHE A 418 17.65 0.50 15.57
N SER A 419 18.91 0.21 15.91
CA SER A 419 19.31 -0.07 17.29
C SER A 419 19.00 1.13 18.17
N GLU A 420 19.34 2.31 17.68
CA GLU A 420 19.11 3.58 18.37
C GLU A 420 17.64 3.75 18.65
N ALA A 421 16.83 3.49 17.64
CA ALA A 421 15.37 3.59 17.73
C ALA A 421 14.85 2.68 18.83
N ARG A 422 15.36 1.44 18.83
CA ARG A 422 14.95 0.45 19.82
C ARG A 422 15.29 0.94 21.23
N GLU A 423 16.50 1.49 21.37
CA GLU A 423 16.99 2.02 22.63
C GLU A 423 16.07 3.13 23.12
N ASP A 424 15.69 4.00 22.20
CA ASP A 424 14.79 5.13 22.47
C ASP A 424 13.46 4.61 23.01
N MET A 425 12.95 3.59 22.33
CA MET A 425 11.67 2.96 22.71
C MET A 425 11.76 2.41 24.13
N ALA A 426 12.88 1.74 24.41
CA ALA A 426 13.14 1.16 25.73
C ALA A 426 13.13 2.24 26.80
N ALA A 427 13.80 3.34 26.49
CA ALA A 427 13.89 4.50 27.38
C ALA A 427 12.50 5.03 27.69
N LEU A 428 11.70 5.16 26.64
CA LEU A 428 10.32 5.64 26.72
C LEU A 428 9.52 4.76 27.67
N GLU A 429 9.67 3.45 27.48
CA GLU A 429 9.01 2.43 28.29
C GLU A 429 9.37 2.62 29.78
N LYS A 430 10.66 2.80 30.00
CA LYS A 430 11.20 2.98 31.34
C LYS A 430 10.58 4.22 32.00
N ASP A 431 10.51 5.28 31.22
CA ASP A 431 9.93 6.55 31.66
C ASP A 431 8.48 6.35 32.09
N TYR A 432 7.74 5.62 31.25
CA TYR A 432 6.34 5.31 31.50
C TYR A 432 6.20 4.56 32.83
N GLU A 433 7.08 3.58 33.02
CA GLU A 433 7.10 2.75 34.23
C GLU A 433 7.31 3.65 35.45
N GLU A 434 8.27 4.55 35.33
CA GLU A 434 8.61 5.49 36.39
C GLU A 434 7.39 6.35 36.75
N VAL A 435 6.73 6.83 35.72
CA VAL A 435 5.52 7.65 35.86
C VAL A 435 4.45 6.89 36.63
N GLY A 436 4.27 5.63 36.24
CA GLY A 436 3.31 4.73 36.89
C GLY A 436 3.60 4.60 38.36
N VAL A 437 4.87 4.40 38.68
CA VAL A 437 5.35 4.32 40.07
C VAL A 437 4.90 5.54 40.90
N MET B 1 3.92 9.99 -15.03
CA MET B 1 4.85 9.12 -14.27
C MET B 1 4.28 7.68 -14.15
N ARG B 2 5.07 6.78 -13.56
CA ARG B 2 4.67 5.38 -13.33
C ARG B 2 4.52 4.54 -14.63
N GLU B 3 5.25 4.92 -15.67
CA GLU B 3 5.15 4.29 -17.01
C GLU B 3 5.88 2.96 -17.09
N ILE B 4 5.28 1.95 -17.73
CA ILE B 4 5.89 0.62 -17.86
C ILE B 4 6.16 0.26 -19.33
N VAL B 5 7.36 -0.25 -19.59
CA VAL B 5 7.75 -0.78 -20.90
C VAL B 5 7.59 -2.30 -20.90
N HIS B 6 6.84 -2.82 -21.87
CA HIS B 6 6.56 -4.25 -21.99
C HIS B 6 7.45 -4.91 -23.05
N ILE B 7 8.08 -6.02 -22.69
CA ILE B 7 8.79 -6.85 -23.67
C ILE B 7 8.21 -8.27 -23.67
N GLN B 8 8.01 -8.80 -24.87
CA GLN B 8 7.56 -10.18 -25.07
C GLN B 8 8.61 -10.90 -25.89
N ALA B 9 8.99 -12.09 -25.44
CA ALA B 9 10.12 -12.81 -26.00
C ALA B 9 9.75 -14.26 -26.25
N GLY B 10 10.04 -14.71 -27.47
CA GLY B 10 9.78 -16.08 -27.87
C GLY B 10 8.33 -16.31 -28.18
N GLN B 11 8.00 -17.57 -28.45
CA GLN B 11 6.71 -17.95 -28.98
C GLN B 11 5.66 -17.74 -27.91
N CYS B 12 5.88 -18.40 -26.78
CA CYS B 12 5.00 -18.34 -25.62
C CYS B 12 4.78 -16.88 -25.23
N GLY B 13 5.90 -16.19 -25.04
CA GLY B 13 5.92 -14.79 -24.63
C GLY B 13 5.09 -13.92 -25.55
N ASN B 14 5.20 -14.16 -26.85
CA ASN B 14 4.41 -13.43 -27.83
C ASN B 14 2.91 -13.74 -27.78
N GLN B 15 2.60 -15.02 -27.60
CA GLN B 15 1.23 -15.45 -27.58
C GLN B 15 0.50 -14.90 -26.39
N ILE B 16 1.13 -15.05 -25.22
CA ILE B 16 0.58 -14.50 -23.96
C ILE B 16 0.40 -12.99 -24.10
N GLY B 17 1.44 -12.36 -24.65
CA GLY B 17 1.47 -10.95 -24.94
C GLY B 17 0.29 -10.48 -25.75
N ALA B 18 -0.06 -11.22 -26.79
CA ALA B 18 -1.19 -10.83 -27.64
C ALA B 18 -2.47 -10.71 -26.79
N LYS B 19 -2.69 -11.76 -25.99
CA LYS B 19 -3.85 -11.83 -25.11
C LYS B 19 -3.83 -10.68 -24.11
N PHE B 20 -2.65 -10.42 -23.56
CA PHE B 20 -2.46 -9.37 -22.58
C PHE B 20 -2.84 -8.01 -23.16
N TRP B 21 -2.39 -7.76 -24.39
CA TRP B 21 -2.70 -6.50 -25.04
C TRP B 21 -4.16 -6.39 -25.40
N GLU B 22 -4.79 -7.50 -25.77
CA GLU B 22 -6.24 -7.51 -25.96
C GLU B 22 -6.94 -7.07 -24.66
N VAL B 23 -6.52 -7.66 -23.55
CA VAL B 23 -7.25 -7.49 -22.30
C VAL B 23 -7.09 -6.08 -21.76
N ILE B 24 -5.85 -5.61 -21.79
CA ILE B 24 -5.52 -4.23 -21.39
C ILE B 24 -6.29 -3.26 -22.29
N SER B 25 -6.33 -3.55 -23.60
CA SER B 25 -7.04 -2.71 -24.56
C SER B 25 -8.49 -2.59 -24.13
N ASP B 26 -9.10 -3.72 -23.84
CA ASP B 26 -10.49 -3.76 -23.44
C ASP B 26 -10.70 -2.90 -22.21
N GLU B 27 -9.84 -3.12 -21.22
CA GLU B 27 -9.90 -2.40 -19.94
C GLU B 27 -9.83 -0.89 -20.10
N HIS B 28 -8.98 -0.43 -21.02
CA HIS B 28 -8.79 1.01 -21.21
C HIS B 28 -9.64 1.59 -22.30
N GLY B 29 -10.58 0.80 -22.82
CA GLY B 29 -11.50 1.28 -23.84
C GLY B 29 -10.88 1.54 -25.20
N ILE B 30 -9.78 0.85 -25.48
CA ILE B 30 -9.11 0.95 -26.78
C ILE B 30 -9.65 -0.12 -27.73
N ASP B 31 -10.08 0.29 -28.92
CA ASP B 31 -10.57 -0.65 -29.92
C ASP B 31 -9.41 -1.24 -30.73
N PRO B 32 -9.67 -2.32 -31.50
CA PRO B 32 -8.57 -3.08 -32.09
C PRO B 32 -7.64 -2.30 -32.99
N THR B 33 -8.06 -1.14 -33.49
CA THR B 33 -7.20 -0.31 -34.34
C THR B 33 -6.41 0.69 -33.53
N GLY B 34 -6.93 1.04 -32.36
CA GLY B 34 -6.25 1.97 -31.46
C GLY B 34 -7.00 3.25 -31.13
N SER B 35 -8.30 3.27 -31.41
CA SER B 35 -9.14 4.41 -31.03
C SER B 35 -9.79 4.19 -29.67
N TYR B 36 -9.95 5.27 -28.92
CA TYR B 36 -10.60 5.24 -27.61
C TYR B 36 -12.12 5.37 -27.75
N HIS B 37 -12.86 4.45 -27.12
CA HIS B 37 -14.33 4.48 -27.11
C HIS B 37 -14.90 4.22 -25.71
N GLY B 38 -14.23 4.79 -24.70
CA GLY B 38 -14.68 4.68 -23.32
C GLY B 38 -15.69 5.75 -22.95
N ASP B 39 -16.31 5.56 -21.79
CA ASP B 39 -17.33 6.47 -21.25
C ASP B 39 -16.93 7.05 -19.89
N SER B 40 -15.74 6.71 -19.40
CA SER B 40 -15.26 7.16 -18.10
C SER B 40 -13.91 7.82 -18.25
N ASP B 41 -13.73 8.97 -17.59
CA ASP B 41 -12.44 9.65 -17.57
C ASP B 41 -11.42 8.87 -16.73
N LEU B 42 -11.90 7.99 -15.85
CA LEU B 42 -11.02 7.10 -15.10
C LEU B 42 -10.16 6.27 -16.05
N GLN B 43 -10.72 5.93 -17.20
CA GLN B 43 -10.05 5.06 -18.16
C GLN B 43 -8.78 5.67 -18.75
N LEU B 44 -8.75 6.99 -18.89
CA LEU B 44 -7.63 7.66 -19.56
C LEU B 44 -6.65 8.34 -18.62
N GLU B 45 -7.06 8.54 -17.37
CA GLU B 45 -6.26 9.19 -16.35
C GLU B 45 -4.80 8.73 -16.36
N ARG B 46 -4.62 7.42 -16.38
CA ARG B 46 -3.29 6.85 -16.30
C ARG B 46 -3.08 5.86 -17.46
N ILE B 47 -3.70 6.14 -18.61
CA ILE B 47 -3.54 5.30 -19.80
C ILE B 47 -2.08 5.24 -20.26
N ASN B 48 -1.35 6.30 -19.95
CA ASN B 48 0.07 6.42 -20.27
C ASN B 48 0.94 5.33 -19.67
N VAL B 49 0.44 4.70 -18.61
CA VAL B 49 1.15 3.61 -17.96
C VAL B 49 1.50 2.49 -18.94
N TYR B 50 0.59 2.16 -19.86
CA TYR B 50 0.86 1.13 -20.86
C TYR B 50 0.95 1.64 -22.30
N TYR B 51 0.25 2.73 -22.61
CA TYR B 51 0.13 3.18 -24.00
C TYR B 51 0.79 4.53 -24.26
N ASN B 52 1.49 4.65 -25.41
CA ASN B 52 1.90 5.97 -25.91
C ASN B 52 0.80 6.54 -26.76
N GLU B 53 0.76 7.87 -26.83
CA GLU B 53 -0.22 8.56 -27.65
C GLU B 53 0.42 9.03 -28.94
N ALA B 54 -0.34 8.98 -30.03
CA ALA B 54 0.13 9.40 -31.34
C ALA B 54 -0.87 10.36 -31.96
N ALA B 55 -0.55 10.85 -33.15
CA ALA B 55 -1.41 11.81 -33.84
C ALA B 55 -2.77 11.18 -34.15
N GLY B 56 -3.83 11.95 -33.91
CA GLY B 56 -5.19 11.50 -34.17
C GLY B 56 -5.75 10.68 -33.04
N ASN B 57 -5.38 11.05 -31.80
CA ASN B 57 -5.82 10.33 -30.61
C ASN B 57 -5.64 8.82 -30.76
N LYS B 58 -4.46 8.44 -31.26
CA LYS B 58 -4.10 7.03 -31.43
C LYS B 58 -3.28 6.59 -30.24
N TYR B 59 -3.57 5.38 -29.78
CA TYR B 59 -2.85 4.85 -28.64
C TYR B 59 -2.12 3.60 -29.06
N VAL B 60 -0.84 3.54 -28.68
CA VAL B 60 0.07 2.50 -29.14
C VAL B 60 0.72 1.83 -27.94
N PRO B 61 0.59 0.50 -27.83
CA PRO B 61 1.31 -0.19 -26.77
C PRO B 61 2.79 0.16 -26.69
N ARG B 62 3.28 0.45 -25.48
CA ARG B 62 4.70 0.61 -25.23
C ARG B 62 5.26 -0.80 -25.09
N ALA B 63 5.36 -1.47 -26.24
CA ALA B 63 5.53 -2.91 -26.27
C ALA B 63 6.53 -3.29 -27.34
N ILE B 64 7.45 -4.18 -26.98
CA ILE B 64 8.48 -4.68 -27.91
C ILE B 64 8.34 -6.18 -28.05
N LEU B 65 8.30 -6.63 -29.31
CA LEU B 65 8.15 -8.05 -29.64
C LEU B 65 9.46 -8.58 -30.17
N VAL B 66 10.01 -9.58 -29.50
CA VAL B 66 11.29 -10.17 -29.89
C VAL B 66 11.15 -11.68 -30.11
N ASP B 67 11.68 -12.14 -31.23
CA ASP B 67 11.83 -13.57 -31.51
C ASP B 67 12.89 -13.77 -32.58
N LEU B 68 13.86 -14.64 -32.30
CA LEU B 68 14.84 -15.09 -33.31
C LEU B 68 14.16 -16.00 -34.33
N GLU B 69 13.24 -16.79 -33.80
CA GLU B 69 12.32 -17.61 -34.58
C GLU B 69 11.27 -16.71 -35.29
N PRO B 70 11.37 -16.55 -36.62
CA PRO B 70 10.35 -15.74 -37.31
C PRO B 70 9.12 -16.56 -37.69
N GLY B 71 7.96 -15.90 -37.74
CA GLY B 71 6.72 -16.54 -38.15
C GLY B 71 5.70 -16.52 -37.04
N THR B 72 6.16 -16.80 -35.81
CA THR B 72 5.31 -16.68 -34.61
C THR B 72 4.83 -15.22 -34.48
N MET B 73 5.77 -14.31 -34.66
CA MET B 73 5.46 -12.88 -34.62
C MET B 73 4.62 -12.44 -35.81
N ASP B 74 4.80 -13.11 -36.94
CA ASP B 74 3.94 -12.86 -38.10
C ASP B 74 2.50 -13.21 -37.77
N SER B 75 2.29 -14.30 -37.03
CA SER B 75 0.94 -14.66 -36.61
C SER B 75 0.32 -13.58 -35.76
N VAL B 76 1.12 -13.04 -34.83
CA VAL B 76 0.70 -11.95 -33.94
C VAL B 76 0.24 -10.78 -34.80
N ARG B 77 1.08 -10.43 -35.78
CA ARG B 77 0.83 -9.30 -36.66
C ARG B 77 -0.47 -9.49 -37.45
N SER B 78 -0.68 -10.71 -37.92
CA SER B 78 -1.85 -11.04 -38.70
C SER B 78 -3.08 -10.96 -37.84
N GLY B 79 -2.94 -11.24 -36.54
CA GLY B 79 -4.06 -11.29 -35.61
C GLY B 79 -4.88 -10.00 -35.48
N PRO B 80 -5.99 -10.04 -34.72
CA PRO B 80 -6.91 -8.90 -34.60
C PRO B 80 -6.27 -7.65 -34.02
N PHE B 81 -5.64 -7.79 -32.86
CA PHE B 81 -4.98 -6.67 -32.16
C PHE B 81 -3.51 -6.48 -32.59
N GLY B 82 -3.05 -7.33 -33.50
CA GLY B 82 -1.75 -7.16 -34.14
C GLY B 82 -1.52 -5.80 -34.76
N GLN B 83 -2.59 -5.16 -35.25
CA GLN B 83 -2.47 -3.87 -35.90
C GLN B 83 -2.21 -2.72 -34.94
N ILE B 84 -2.32 -2.95 -33.63
CA ILE B 84 -2.04 -1.84 -32.69
C ILE B 84 -0.56 -1.62 -32.47
N PHE B 85 0.25 -2.65 -32.68
CA PHE B 85 1.69 -2.55 -32.39
C PHE B 85 2.43 -1.70 -33.42
N ARG B 86 3.49 -1.04 -32.98
CA ARG B 86 4.36 -0.29 -33.88
C ARG B 86 5.18 -1.28 -34.68
N PRO B 87 5.15 -1.20 -36.02
CA PRO B 87 5.98 -2.08 -36.84
C PRO B 87 7.46 -2.05 -36.49
N ASP B 88 7.99 -0.90 -36.12
CA ASP B 88 9.40 -0.77 -35.74
C ASP B 88 9.73 -1.47 -34.40
N ASN B 89 8.71 -1.90 -33.66
CA ASN B 89 8.93 -2.61 -32.40
C ASN B 89 8.95 -4.14 -32.54
N PHE B 90 8.88 -4.64 -33.77
CA PHE B 90 9.05 -6.05 -34.06
C PHE B 90 10.53 -6.24 -34.34
N VAL B 91 11.20 -7.01 -33.49
CA VAL B 91 12.60 -7.33 -33.68
C VAL B 91 12.70 -8.82 -33.86
N PHE B 92 13.12 -9.28 -35.04
CA PHE B 92 13.23 -10.71 -35.27
C PHE B 92 14.39 -11.12 -36.16
N GLY B 93 14.83 -12.35 -35.95
CA GLY B 93 15.99 -12.91 -36.64
C GLY B 93 15.54 -13.90 -37.71
N GLN B 94 16.49 -14.64 -38.26
CA GLN B 94 16.21 -15.56 -39.36
C GLN B 94 16.62 -16.98 -39.05
N SER B 95 16.62 -17.35 -37.78
CA SER B 95 17.00 -18.70 -37.40
C SER B 95 16.36 -19.03 -36.06
N GLY B 96 15.87 -20.26 -35.91
CA GLY B 96 15.31 -20.72 -34.64
C GLY B 96 16.44 -21.00 -33.66
N ALA B 97 16.06 -21.43 -32.46
CA ALA B 97 17.02 -21.78 -31.43
C ALA B 97 17.09 -23.27 -31.13
N GLY B 98 16.20 -24.09 -31.71
CA GLY B 98 16.10 -25.52 -31.35
C GLY B 98 16.00 -25.74 -29.83
N ASN B 99 15.18 -24.93 -29.19
CA ASN B 99 15.00 -24.99 -27.75
C ASN B 99 16.34 -24.95 -27.02
N ASN B 100 17.25 -24.12 -27.51
CA ASN B 100 18.63 -24.09 -27.04
C ASN B 100 18.95 -22.75 -26.36
N TRP B 101 19.01 -22.79 -25.03
CA TRP B 101 19.35 -21.63 -24.22
C TRP B 101 20.67 -20.99 -24.67
N ALA B 102 21.66 -21.81 -24.98
CA ALA B 102 22.96 -21.30 -25.38
C ALA B 102 22.85 -20.45 -26.65
N LYS B 103 22.03 -20.88 -27.60
CA LYS B 103 21.88 -20.10 -28.83
C LYS B 103 21.16 -18.78 -28.54
N GLY B 104 20.18 -18.80 -27.63
CA GLY B 104 19.46 -17.58 -27.25
C GLY B 104 20.33 -16.61 -26.46
N HIS B 105 21.15 -17.14 -25.55
CA HIS B 105 21.90 -16.30 -24.60
C HIS B 105 23.29 -15.90 -25.09
N TYR B 106 23.96 -16.77 -25.84
CA TYR B 106 25.37 -16.56 -26.19
C TYR B 106 25.59 -16.11 -27.63
N THR B 107 24.98 -16.82 -28.58
CA THR B 107 25.39 -16.67 -29.99
C THR B 107 24.31 -16.00 -30.85
N GLU B 108 23.30 -16.75 -31.27
CA GLU B 108 22.27 -16.20 -32.15
C GLU B 108 21.56 -14.99 -31.51
N GLY B 109 21.22 -15.10 -30.22
CA GLY B 109 20.55 -14.03 -29.51
C GLY B 109 21.41 -12.80 -29.39
N ALA B 110 22.71 -12.99 -29.17
CA ALA B 110 23.64 -11.87 -29.07
C ALA B 110 23.63 -11.04 -30.34
N GLU B 111 23.42 -11.67 -31.49
CA GLU B 111 23.41 -10.92 -32.75
C GLU B 111 22.18 -10.00 -32.89
N LEU B 112 21.06 -10.39 -32.29
CA LEU B 112 19.80 -9.64 -32.38
C LEU B 112 19.57 -8.62 -31.24
N VAL B 113 20.23 -8.84 -30.11
CA VAL B 113 19.90 -8.14 -28.89
C VAL B 113 20.17 -6.66 -28.95
N ASP B 114 21.17 -6.24 -29.75
CA ASP B 114 21.50 -4.84 -29.95
C ASP B 114 20.29 -4.03 -30.38
N SER B 115 19.58 -4.57 -31.36
CA SER B 115 18.39 -3.92 -31.91
C SER B 115 17.35 -3.70 -30.82
N VAL B 116 17.15 -4.77 -30.04
CA VAL B 116 16.17 -4.77 -28.95
C VAL B 116 16.56 -3.69 -27.94
N LEU B 117 17.84 -3.63 -27.60
CA LEU B 117 18.36 -2.66 -26.65
C LEU B 117 18.10 -1.26 -27.13
N ASP B 118 18.36 -1.03 -28.42
CA ASP B 118 18.14 0.27 -29.06
C ASP B 118 16.69 0.68 -28.93
N VAL B 119 15.80 -0.27 -29.21
CA VAL B 119 14.39 0.04 -29.14
C VAL B 119 13.97 0.38 -27.70
N VAL B 120 14.52 -0.39 -26.76
CA VAL B 120 14.24 -0.22 -25.34
C VAL B 120 14.64 1.17 -24.88
N ARG B 121 15.84 1.59 -25.31
CA ARG B 121 16.37 2.91 -24.98
C ARG B 121 15.43 4.00 -25.46
N LYS B 122 14.99 3.84 -26.70
CA LYS B 122 14.06 4.78 -27.34
C LYS B 122 12.78 4.89 -26.52
N GLU B 123 12.27 3.72 -26.13
CA GLU B 123 11.06 3.62 -25.34
C GLU B 123 11.20 4.36 -24.02
N SER B 124 12.35 4.17 -23.39
CA SER B 124 12.65 4.75 -22.10
C SER B 124 12.57 6.27 -22.12
N GLU B 125 12.94 6.88 -23.26
CA GLU B 125 12.91 8.34 -23.36
C GLU B 125 11.52 8.94 -23.33
N SER B 126 10.50 8.17 -23.67
CA SER B 126 9.12 8.65 -23.62
C SER B 126 8.45 8.39 -22.26
N CYS B 127 9.22 7.93 -21.28
CA CYS B 127 8.75 7.86 -19.89
C CYS B 127 9.01 9.16 -19.14
N ASP B 128 7.97 9.76 -18.57
CA ASP B 128 8.14 10.88 -17.63
C ASP B 128 8.98 10.41 -16.44
N CYS B 129 8.56 9.29 -15.88
CA CYS B 129 9.29 8.62 -14.81
C CYS B 129 9.01 7.12 -14.93
N LEU B 130 9.94 6.44 -15.60
CA LEU B 130 9.86 5.01 -15.87
C LEU B 130 9.75 4.18 -14.60
N GLN B 131 8.67 3.43 -14.47
CA GLN B 131 8.45 2.53 -13.35
C GLN B 131 9.33 1.30 -13.49
N GLY B 132 9.32 0.73 -14.69
CA GLY B 132 10.21 -0.37 -14.96
C GLY B 132 9.85 -1.11 -16.22
N PHE B 133 10.38 -2.33 -16.32
CA PHE B 133 10.14 -3.23 -17.45
C PHE B 133 9.39 -4.49 -17.03
N GLN B 134 8.45 -4.89 -17.88
CA GLN B 134 7.62 -6.08 -17.66
C GLN B 134 7.86 -7.04 -18.83
N LEU B 135 8.34 -8.24 -18.51
CA LEU B 135 8.69 -9.24 -19.54
C LEU B 135 7.82 -10.45 -19.48
N THR B 136 7.48 -10.97 -20.66
CA THR B 136 6.74 -12.22 -20.81
C THR B 136 7.59 -13.18 -21.63
N HIS B 137 7.94 -14.32 -21.05
CA HIS B 137 8.74 -15.34 -21.73
C HIS B 137 8.44 -16.73 -21.19
N SER B 138 9.16 -17.72 -21.71
CA SER B 138 9.06 -19.12 -21.29
C SER B 138 10.44 -19.73 -21.01
N LEU B 139 10.50 -20.55 -19.97
CA LEU B 139 11.69 -21.34 -19.64
C LEU B 139 11.52 -22.76 -20.17
N GLY B 140 12.49 -23.25 -20.92
CA GLY B 140 12.32 -24.50 -21.68
C GLY B 140 12.47 -24.33 -23.17
N GLY B 141 12.19 -23.12 -23.68
CA GLY B 141 12.57 -22.73 -25.04
C GLY B 141 13.99 -22.20 -25.12
N GLY B 142 14.34 -21.69 -26.29
CA GLY B 142 15.67 -21.10 -26.53
C GLY B 142 15.64 -19.58 -26.51
N THR B 143 14.66 -18.98 -27.19
CA THR B 143 14.59 -17.54 -27.32
C THR B 143 14.10 -16.87 -26.04
N GLY B 144 12.90 -17.24 -25.58
CA GLY B 144 12.37 -16.67 -24.35
C GLY B 144 13.30 -16.92 -23.18
N SER B 145 13.85 -18.14 -23.14
CA SER B 145 14.68 -18.57 -22.01
C SER B 145 16.07 -17.94 -22.06
N GLY B 146 16.80 -18.18 -23.14
CA GLY B 146 18.18 -17.70 -23.28
C GLY B 146 18.26 -16.23 -23.63
N MET B 147 17.60 -15.89 -24.73
CA MET B 147 17.63 -14.51 -25.16
C MET B 147 16.89 -13.61 -24.19
N GLY B 148 15.81 -14.12 -23.58
CA GLY B 148 15.10 -13.35 -22.57
C GLY B 148 16.06 -12.98 -21.45
N THR B 149 16.81 -13.98 -20.98
CA THR B 149 17.75 -13.76 -19.89
C THR B 149 18.80 -12.74 -20.28
N LEU B 150 19.30 -12.88 -21.51
CA LEU B 150 20.30 -11.98 -22.06
C LEU B 150 19.81 -10.53 -22.03
N LEU B 151 18.60 -10.36 -22.53
CA LEU B 151 17.99 -9.05 -22.63
C LEU B 151 17.80 -8.44 -21.25
N ILE B 152 17.36 -9.28 -20.30
CA ILE B 152 17.14 -8.84 -18.93
C ILE B 152 18.44 -8.34 -18.34
N SER B 153 19.53 -9.08 -18.59
CA SER B 153 20.86 -8.72 -18.10
C SER B 153 21.25 -7.31 -18.56
N LYS B 154 21.04 -7.10 -19.85
CA LYS B 154 21.38 -5.82 -20.49
C LYS B 154 20.57 -4.70 -19.86
N ILE B 155 19.28 -4.96 -19.68
CA ILE B 155 18.40 -3.87 -19.30
C ILE B 155 18.68 -3.48 -17.85
N ARG B 156 18.89 -4.49 -16.99
CA ARG B 156 19.27 -4.23 -15.60
C ARG B 156 20.55 -3.42 -15.54
N GLU B 157 21.52 -3.74 -16.40
CA GLU B 157 22.79 -3.03 -16.47
C GLU B 157 22.54 -1.56 -16.78
N GLU B 158 21.66 -1.28 -17.73
CA GLU B 158 21.37 0.09 -18.13
C GLU B 158 20.39 0.85 -17.23
N TYR B 159 19.47 0.14 -16.58
CA TYR B 159 18.43 0.78 -15.75
C TYR B 159 18.33 0.07 -14.40
N PRO B 160 19.42 0.07 -13.63
CA PRO B 160 19.44 -0.72 -12.41
C PRO B 160 18.51 -0.20 -11.32
N ASP B 161 18.04 1.05 -11.45
CA ASP B 161 17.17 1.67 -10.45
C ASP B 161 15.68 1.60 -10.82
N ARG B 162 15.37 0.95 -11.93
CA ARG B 162 14.00 0.68 -12.31
C ARG B 162 13.72 -0.81 -12.12
N ILE B 163 12.45 -1.11 -11.89
CA ILE B 163 12.01 -2.43 -11.47
C ILE B 163 11.91 -3.39 -12.66
N MET B 164 12.38 -4.61 -12.44
CA MET B 164 12.47 -5.61 -13.49
C MET B 164 11.60 -6.77 -13.07
N ASN B 165 10.42 -6.94 -13.70
CA ASN B 165 9.52 -8.03 -13.36
C ASN B 165 9.24 -8.88 -14.58
N THR B 166 9.18 -10.20 -14.36
CA THR B 166 9.03 -11.17 -15.45
C THR B 166 7.89 -12.12 -15.15
N PHE B 167 6.99 -12.31 -16.11
CA PHE B 167 5.97 -13.37 -16.07
C PHE B 167 6.55 -14.50 -16.92
N SER B 168 7.01 -15.55 -16.24
CA SER B 168 7.80 -16.61 -16.87
C SER B 168 7.04 -17.92 -16.82
N VAL B 169 6.79 -18.52 -17.98
CA VAL B 169 6.12 -19.82 -18.04
C VAL B 169 7.13 -20.94 -17.83
N VAL B 170 7.05 -21.63 -16.71
CA VAL B 170 8.03 -22.65 -16.36
C VAL B 170 7.54 -24.05 -16.79
N PRO B 171 8.35 -25.09 -16.56
CA PRO B 171 7.89 -26.41 -16.92
C PRO B 171 6.80 -26.97 -16.00
N SER B 172 6.14 -28.01 -16.49
CA SER B 172 5.21 -28.83 -15.69
C SER B 172 5.96 -30.11 -15.25
N PRO B 173 6.46 -30.14 -13.99
CA PRO B 173 7.50 -31.12 -13.67
C PRO B 173 7.03 -32.58 -13.79
N LYS B 174 5.73 -32.83 -13.62
CA LYS B 174 5.20 -34.20 -13.68
C LYS B 174 5.09 -34.69 -15.12
N VAL B 175 4.94 -33.76 -16.07
CA VAL B 175 4.91 -34.15 -17.49
C VAL B 175 5.59 -33.08 -18.31
N SER B 176 6.88 -33.28 -18.55
CA SER B 176 7.71 -32.25 -19.16
C SER B 176 7.55 -32.20 -20.67
N ASP B 177 7.77 -31.02 -21.22
CA ASP B 177 7.24 -30.65 -22.53
C ASP B 177 8.29 -30.50 -23.64
N THR B 178 9.57 -30.43 -23.29
CA THR B 178 10.67 -30.68 -24.26
C THR B 178 11.68 -31.64 -23.62
N VAL B 179 12.75 -31.97 -24.34
CA VAL B 179 13.75 -32.90 -23.82
C VAL B 179 14.86 -32.13 -23.11
N VAL B 180 15.29 -31.03 -23.70
CA VAL B 180 16.33 -30.20 -23.07
C VAL B 180 15.78 -29.17 -22.09
N GLU B 181 14.46 -29.21 -21.83
CA GLU B 181 13.79 -28.29 -20.95
C GLU B 181 14.51 -28.02 -19.64
N PRO B 182 14.96 -29.09 -18.92
CA PRO B 182 15.62 -28.93 -17.63
C PRO B 182 16.86 -28.09 -17.73
N TYR B 183 17.63 -28.32 -18.80
CA TYR B 183 18.87 -27.56 -19.04
C TYR B 183 18.52 -26.09 -19.21
N ASN B 184 17.51 -25.82 -20.02
CA ASN B 184 17.15 -24.45 -20.33
C ASN B 184 16.67 -23.73 -19.08
N ALA B 185 15.79 -24.41 -18.35
CA ALA B 185 15.16 -23.82 -17.16
C ALA B 185 16.23 -23.48 -16.13
N THR B 186 17.14 -24.43 -15.93
CA THR B 186 18.21 -24.27 -14.95
C THR B 186 19.10 -23.09 -15.36
N LEU B 187 19.41 -23.01 -16.66
CA LEU B 187 20.26 -21.92 -17.11
C LEU B 187 19.58 -20.57 -16.90
N SER B 188 18.28 -20.52 -17.15
CA SER B 188 17.58 -19.25 -17.05
C SER B 188 17.48 -18.82 -15.63
N VAL B 189 17.10 -19.74 -14.74
CA VAL B 189 16.86 -19.45 -13.34
C VAL B 189 18.04 -18.75 -12.68
N HIS B 190 19.23 -19.29 -12.93
CA HIS B 190 20.50 -18.65 -12.59
C HIS B 190 20.50 -17.14 -12.93
N GLN B 191 20.23 -16.85 -14.19
CA GLN B 191 20.21 -15.45 -14.62
C GLN B 191 19.14 -14.64 -13.90
N LEU B 192 17.94 -15.21 -13.77
CA LEU B 192 16.82 -14.46 -13.19
C LEU B 192 17.00 -14.20 -11.71
N VAL B 193 17.58 -15.15 -10.99
CA VAL B 193 17.84 -14.97 -9.56
C VAL B 193 18.66 -13.71 -9.34
N GLU B 194 19.61 -13.47 -10.22
CA GLU B 194 20.52 -12.37 -10.02
C GLU B 194 20.02 -11.07 -10.62
N ASN B 195 19.27 -11.12 -11.73
CA ASN B 195 19.04 -9.90 -12.53
C ASN B 195 17.59 -9.40 -12.61
N THR B 196 16.69 -9.96 -11.83
CA THR B 196 15.32 -9.44 -11.75
C THR B 196 14.95 -9.19 -10.29
N ASP B 197 13.98 -8.30 -10.11
CA ASP B 197 13.45 -8.00 -8.79
C ASP B 197 12.24 -8.87 -8.42
N GLU B 198 11.52 -9.40 -9.40
CA GLU B 198 10.42 -10.30 -9.14
C GLU B 198 10.06 -11.16 -10.36
N THR B 199 9.80 -12.43 -10.11
CA THR B 199 9.44 -13.34 -11.19
C THR B 199 8.20 -14.13 -10.82
N TYR B 200 7.17 -14.00 -11.65
CA TYR B 200 5.90 -14.67 -11.46
C TYR B 200 5.97 -15.99 -12.19
N CYS B 201 5.87 -17.07 -11.43
CA CYS B 201 6.12 -18.40 -11.95
C CYS B 201 4.82 -19.11 -12.27
N ILE B 202 4.56 -19.28 -13.56
CA ILE B 202 3.31 -19.87 -14.05
C ILE B 202 3.57 -21.21 -14.74
N ASP B 203 2.80 -22.22 -14.37
CA ASP B 203 2.95 -23.55 -14.96
C ASP B 203 1.63 -24.14 -15.44
N ASN B 204 1.72 -24.67 -16.67
CA ASN B 204 0.57 -25.10 -17.44
C ASN B 204 -0.22 -26.18 -16.77
N GLU B 205 0.47 -27.05 -16.02
CA GLU B 205 -0.17 -28.13 -15.26
C GLU B 205 -1.22 -27.55 -14.29
N ALA B 206 -0.76 -26.55 -13.54
CA ALA B 206 -1.60 -25.87 -12.56
C ALA B 206 -2.79 -25.23 -13.24
N LEU B 207 -2.53 -24.59 -14.40
CA LEU B 207 -3.58 -23.95 -15.17
C LEU B 207 -4.65 -24.95 -15.58
N TYR B 208 -4.19 -26.10 -16.07
CA TYR B 208 -5.12 -27.13 -16.52
C TYR B 208 -5.95 -27.64 -15.35
N ASP B 209 -5.30 -27.82 -14.19
CA ASP B 209 -6.00 -28.22 -12.97
C ASP B 209 -7.10 -27.23 -12.61
N ILE B 210 -6.76 -25.94 -12.69
CA ILE B 210 -7.69 -24.85 -12.44
C ILE B 210 -8.90 -24.96 -13.36
N CYS B 211 -8.61 -25.14 -14.64
CA CYS B 211 -9.64 -25.22 -15.68
C CYS B 211 -10.59 -26.38 -15.39
N PHE B 212 -9.98 -27.52 -15.08
CA PHE B 212 -10.76 -28.75 -14.95
C PHE B 212 -11.41 -28.91 -13.58
N ARG B 213 -10.61 -28.83 -12.51
CA ARG B 213 -11.11 -29.04 -11.14
C ARG B 213 -11.99 -27.89 -10.67
N THR B 214 -11.54 -26.67 -10.90
CA THR B 214 -12.19 -25.49 -10.31
C THR B 214 -13.26 -24.92 -11.24
N LEU B 215 -12.86 -24.59 -12.47
CA LEU B 215 -13.78 -23.92 -13.38
C LEU B 215 -14.75 -24.88 -14.03
N LYS B 216 -14.57 -26.18 -13.80
CA LYS B 216 -15.42 -27.24 -14.35
C LYS B 216 -15.45 -27.25 -15.89
N LEU B 217 -14.30 -26.97 -16.50
CA LEU B 217 -14.20 -26.80 -17.95
C LEU B 217 -13.47 -27.92 -18.66
N THR B 218 -13.69 -28.00 -19.97
CA THR B 218 -13.00 -28.96 -20.82
C THR B 218 -12.72 -28.39 -22.21
N THR B 219 -11.87 -29.07 -22.95
CA THR B 219 -11.32 -28.60 -24.24
C THR B 219 -10.55 -27.26 -24.17
N PRO B 220 -9.82 -26.99 -23.07
CA PRO B 220 -9.19 -25.69 -22.92
C PRO B 220 -8.02 -25.52 -23.88
N THR B 221 -7.90 -24.34 -24.48
CA THR B 221 -6.87 -24.09 -25.49
C THR B 221 -5.80 -23.20 -24.89
N TYR B 222 -4.69 -23.10 -25.61
CA TYR B 222 -3.63 -22.22 -25.17
C TYR B 222 -4.15 -20.82 -25.01
N GLY B 223 -5.13 -20.43 -25.84
CA GLY B 223 -5.78 -19.12 -25.74
C GLY B 223 -6.36 -18.89 -24.36
N ASP B 224 -7.07 -19.92 -23.88
CA ASP B 224 -7.71 -19.84 -22.58
C ASP B 224 -6.67 -19.69 -21.49
N LEU B 225 -5.58 -20.45 -21.61
CA LEU B 225 -4.50 -20.35 -20.61
C LEU B 225 -3.91 -18.95 -20.60
N ASN B 226 -3.71 -18.40 -21.78
CA ASN B 226 -3.17 -17.07 -21.93
C ASN B 226 -4.05 -16.04 -21.26
N HIS B 227 -5.37 -16.20 -21.45
CA HIS B 227 -6.38 -15.36 -20.82
C HIS B 227 -6.18 -15.25 -19.31
N LEU B 228 -6.03 -16.43 -18.70
CA LEU B 228 -5.87 -16.55 -17.26
C LEU B 228 -4.64 -15.78 -16.79
N VAL B 229 -3.54 -15.95 -17.55
CA VAL B 229 -2.27 -15.28 -17.26
C VAL B 229 -2.43 -13.76 -17.37
N SER B 230 -3.08 -13.37 -18.47
CA SER B 230 -3.29 -11.97 -18.77
C SER B 230 -4.09 -11.28 -17.67
N ALA B 231 -5.10 -11.97 -17.15
CA ALA B 231 -5.92 -11.44 -16.08
C ALA B 231 -5.06 -11.18 -14.85
N THR B 232 -4.16 -12.11 -14.52
CA THR B 232 -3.30 -11.90 -13.35
C THR B 232 -2.39 -10.70 -13.56
N MET B 233 -1.85 -10.61 -14.78
CA MET B 233 -0.91 -9.56 -15.16
C MET B 233 -1.54 -8.19 -15.00
N SER B 234 -2.73 -8.07 -15.55
CA SER B 234 -3.48 -6.81 -15.49
C SER B 234 -3.77 -6.44 -14.04
N GLY B 235 -4.16 -7.44 -13.25
CA GLY B 235 -4.45 -7.25 -11.83
C GLY B 235 -3.25 -6.69 -11.11
N VAL B 236 -2.07 -7.24 -11.42
CA VAL B 236 -0.83 -6.81 -10.81
C VAL B 236 -0.62 -5.30 -10.90
N THR B 237 -0.93 -4.69 -12.04
CA THR B 237 -0.59 -3.28 -12.27
C THR B 237 -1.79 -2.34 -12.14
N THR B 238 -2.91 -2.87 -11.67
CA THR B 238 -4.14 -2.07 -11.58
C THR B 238 -3.97 -0.79 -10.82
N CYS B 239 -3.21 -0.84 -9.73
CA CYS B 239 -3.07 0.30 -8.86
C CYS B 239 -2.20 1.41 -9.46
N LEU B 240 -1.46 1.12 -10.53
CA LEU B 240 -0.73 2.15 -11.25
C LEU B 240 -1.61 2.87 -12.24
N ARG B 241 -2.69 2.21 -12.67
CA ARG B 241 -3.55 2.74 -13.73
C ARG B 241 -4.83 3.41 -13.24
N PHE B 242 -5.18 3.19 -11.97
CA PHE B 242 -6.52 3.53 -11.49
C PHE B 242 -6.53 4.02 -10.04
N PRO B 243 -7.65 4.62 -9.58
CA PRO B 243 -7.76 5.02 -8.17
C PRO B 243 -7.96 3.89 -7.16
N GLY B 244 -8.06 4.25 -5.89
CA GLY B 244 -8.42 3.29 -4.84
C GLY B 244 -8.27 3.78 -3.41
N GLN B 245 -8.37 2.85 -2.46
CA GLN B 245 -8.22 3.13 -1.03
C GLN B 245 -6.74 2.98 -0.62
N LEU B 246 -6.26 1.73 -0.55
CA LEU B 246 -4.83 1.46 -0.47
C LEU B 246 -4.35 1.13 -1.87
N ASN B 247 -3.45 1.94 -2.43
CA ASN B 247 -2.97 1.72 -3.78
C ASN B 247 -1.61 1.02 -3.74
N ALA B 248 -1.53 -0.13 -4.42
CA ALA B 248 -0.26 -0.81 -4.62
C ALA B 248 0.62 -0.16 -5.71
N ASP B 249 1.76 -0.78 -5.92
CA ASP B 249 2.77 -0.36 -6.90
C ASP B 249 3.77 -1.51 -6.99
N LEU B 250 4.67 -1.47 -7.97
CA LEU B 250 5.57 -2.61 -8.20
C LEU B 250 6.53 -2.77 -7.03
N ARG B 251 7.24 -1.68 -6.71
CA ARG B 251 8.22 -1.74 -5.64
C ARG B 251 7.55 -1.94 -4.31
N LYS B 252 6.34 -1.41 -4.10
CA LYS B 252 5.59 -1.62 -2.88
C LYS B 252 5.37 -3.13 -2.66
N LEU B 253 4.94 -3.79 -3.72
CA LEU B 253 4.73 -5.23 -3.69
C LEU B 253 6.04 -5.93 -3.40
N ALA B 254 7.10 -5.49 -4.06
CA ALA B 254 8.43 -6.08 -3.85
C ALA B 254 8.88 -5.86 -2.41
N VAL B 255 8.62 -4.66 -1.88
CA VAL B 255 8.97 -4.32 -0.51
C VAL B 255 8.26 -5.27 0.47
N ASN B 256 6.99 -5.54 0.22
CA ASN B 256 6.27 -6.43 1.13
C ASN B 256 6.47 -7.92 0.84
N MET B 257 6.94 -8.27 -0.35
CA MET B 257 7.00 -9.65 -0.77
C MET B 257 8.38 -10.27 -0.81
N VAL B 258 9.44 -9.46 -0.74
CA VAL B 258 10.80 -10.00 -0.87
C VAL B 258 11.62 -9.72 0.39
N PRO B 259 11.56 -10.62 1.39
CA PRO B 259 12.26 -10.34 2.63
C PRO B 259 13.76 -10.65 2.59
N PHE B 260 14.19 -11.44 1.60
CA PHE B 260 15.59 -11.60 1.31
C PHE B 260 15.74 -11.44 -0.20
N PRO B 261 16.82 -10.79 -0.64
CA PRO B 261 16.90 -10.30 -2.02
C PRO B 261 16.72 -11.37 -3.10
N ARG B 262 17.24 -12.57 -2.87
CA ARG B 262 17.15 -13.64 -3.87
C ARG B 262 15.80 -14.40 -3.86
N LEU B 263 15.03 -14.28 -2.78
CA LEU B 263 13.76 -14.99 -2.67
C LEU B 263 12.65 -14.15 -3.30
N HIS B 264 12.60 -14.13 -4.63
CA HIS B 264 11.66 -13.26 -5.32
C HIS B 264 10.88 -14.02 -6.40
N PHE B 265 10.57 -15.26 -6.08
CA PHE B 265 9.84 -16.13 -7.01
C PHE B 265 8.44 -16.33 -6.48
N PHE B 266 7.45 -15.82 -7.21
CA PHE B 266 6.08 -15.77 -6.70
C PHE B 266 5.15 -16.75 -7.38
N MET B 267 4.15 -17.19 -6.63
CA MET B 267 3.09 -18.01 -7.19
C MET B 267 1.89 -17.09 -7.33
N PRO B 268 1.49 -16.78 -8.58
CA PRO B 268 0.34 -15.92 -8.82
C PRO B 268 -0.95 -16.70 -8.84
N GLY B 269 -2.04 -16.04 -8.49
CA GLY B 269 -3.35 -16.64 -8.60
C GLY B 269 -4.38 -15.59 -8.91
N PHE B 270 -5.56 -16.06 -9.32
CA PHE B 270 -6.72 -15.21 -9.43
C PHE B 270 -7.93 -15.80 -8.70
N ALA B 271 -8.79 -14.90 -8.23
CA ALA B 271 -10.10 -15.28 -7.72
C ALA B 271 -11.14 -14.20 -8.04
N PRO B 272 -12.41 -14.59 -8.25
CA PRO B 272 -12.96 -15.92 -8.07
C PRO B 272 -12.68 -16.88 -9.23
N LEU B 273 -12.59 -18.16 -8.93
CA LEU B 273 -12.57 -19.20 -9.96
C LEU B 273 -13.64 -20.22 -9.62
N THR B 274 -14.80 -20.09 -10.26
CA THR B 274 -15.90 -21.06 -10.21
C THR B 274 -16.38 -21.31 -11.65
N SER B 275 -17.30 -22.26 -11.82
CA SER B 275 -17.79 -22.60 -13.16
C SER B 275 -18.63 -21.48 -13.73
N ARG B 276 -18.61 -21.38 -15.07
CA ARG B 276 -19.53 -20.50 -15.80
C ARG B 276 -20.97 -20.98 -15.66
N GLY B 277 -21.17 -22.29 -15.81
CA GLY B 277 -22.49 -22.91 -15.70
C GLY B 277 -23.12 -22.69 -14.33
N SER B 278 -22.43 -23.18 -13.30
CA SER B 278 -22.85 -22.95 -11.92
C SER B 278 -22.35 -21.59 -11.42
N GLN B 279 -23.06 -20.54 -11.85
CA GLN B 279 -22.79 -19.16 -11.44
C GLN B 279 -23.63 -18.87 -10.20
N GLN B 280 -24.95 -18.94 -10.39
CA GLN B 280 -25.93 -18.70 -9.31
C GLN B 280 -25.76 -19.52 -8.03
N TYR B 281 -25.18 -20.72 -8.13
CA TYR B 281 -24.87 -21.51 -6.93
C TYR B 281 -23.97 -20.79 -5.90
N ARG B 282 -23.12 -19.87 -6.34
CA ARG B 282 -22.26 -19.06 -5.46
C ARG B 282 -22.48 -17.56 -5.61
N ALA B 283 -21.92 -16.79 -4.67
CA ALA B 283 -22.02 -15.33 -4.65
C ALA B 283 -20.70 -14.68 -4.22
N LEU B 284 -20.63 -13.35 -4.33
CA LEU B 284 -19.39 -12.60 -4.12
C LEU B 284 -19.30 -11.92 -2.76
N THR B 285 -19.00 -12.70 -1.73
CA THR B 285 -18.58 -12.16 -0.44
C THR B 285 -17.05 -12.13 -0.38
N VAL B 286 -16.53 -11.16 0.37
CA VAL B 286 -15.10 -11.05 0.53
C VAL B 286 -14.51 -12.33 1.12
N PRO B 287 -15.15 -12.92 2.15
CA PRO B 287 -14.68 -14.18 2.69
C PRO B 287 -14.58 -15.29 1.67
N GLU B 288 -15.60 -15.42 0.83
CA GLU B 288 -15.58 -16.44 -0.22
C GLU B 288 -14.41 -16.20 -1.18
N LEU B 289 -14.23 -14.93 -1.54
CA LEU B 289 -13.19 -14.56 -2.46
C LEU B 289 -11.85 -14.97 -1.88
N THR B 290 -11.64 -14.63 -0.61
CA THR B 290 -10.37 -14.91 0.06
C THR B 290 -10.13 -16.40 0.13
N GLN B 291 -11.20 -17.17 0.41
CA GLN B 291 -11.14 -18.65 0.43
C GLN B 291 -10.62 -19.17 -0.90
N GLN B 292 -11.20 -18.65 -1.96
CA GLN B 292 -10.83 -19.05 -3.31
C GLN B 292 -9.36 -18.74 -3.58
N MET B 293 -8.95 -17.54 -3.17
CA MET B 293 -7.59 -17.05 -3.35
C MET B 293 -6.59 -17.97 -2.68
N PHE B 294 -6.90 -18.35 -1.45
CA PHE B 294 -5.92 -19.00 -0.59
C PHE B 294 -5.86 -20.51 -0.79
N ASP B 295 -6.83 -21.09 -1.49
CA ASP B 295 -6.87 -22.55 -1.62
C ASP B 295 -5.89 -23.04 -2.69
N ALA B 296 -5.12 -24.06 -2.31
CA ALA B 296 -4.00 -24.56 -3.09
C ALA B 296 -4.38 -24.89 -4.53
N LYS B 297 -5.59 -25.41 -4.67
CA LYS B 297 -6.08 -25.86 -5.96
C LYS B 297 -6.30 -24.68 -6.91
N ASN B 298 -6.31 -23.47 -6.35
CA ASN B 298 -6.58 -22.27 -7.13
C ASN B 298 -5.31 -21.50 -7.45
N MET B 299 -4.14 -22.07 -7.17
CA MET B 299 -2.86 -21.41 -7.46
C MET B 299 -2.30 -21.88 -8.81
N MET B 300 -1.45 -21.05 -9.43
CA MET B 300 -0.94 -21.32 -10.78
C MET B 300 0.56 -21.72 -10.86
N ALA B 301 1.13 -22.04 -9.70
CA ALA B 301 2.42 -22.70 -9.62
C ALA B 301 2.23 -24.16 -9.17
N ALA B 302 3.25 -24.99 -9.41
CA ALA B 302 3.12 -26.44 -9.22
C ALA B 302 3.59 -26.87 -7.84
N CYS B 303 3.02 -26.24 -6.82
CA CYS B 303 3.30 -26.59 -5.44
C CYS B 303 2.01 -26.93 -4.69
N ASP B 304 2.14 -27.72 -3.64
CA ASP B 304 1.19 -27.66 -2.54
C ASP B 304 1.76 -26.65 -1.54
N PRO B 305 1.17 -25.43 -1.46
CA PRO B 305 1.65 -24.48 -0.45
C PRO B 305 1.53 -25.02 0.98
N ARG B 306 0.65 -25.99 1.22
CA ARG B 306 0.53 -26.66 2.51
C ARG B 306 1.76 -27.50 2.89
N HIS B 307 2.65 -27.73 1.93
CA HIS B 307 3.93 -28.37 2.22
C HIS B 307 5.04 -27.35 2.40
N GLY B 308 4.69 -26.23 3.02
CA GLY B 308 5.69 -25.22 3.32
C GLY B 308 5.02 -24.05 4.01
N ARG B 309 5.82 -23.12 4.52
CA ARG B 309 5.30 -21.92 5.17
C ARG B 309 5.29 -20.76 4.17
N TYR B 310 4.27 -19.90 4.27
CA TYR B 310 4.27 -18.62 3.53
C TYR B 310 5.20 -17.61 4.19
N LEU B 311 6.19 -17.12 3.45
CA LEU B 311 7.06 -16.02 3.91
C LEU B 311 6.30 -14.71 3.85
N THR B 312 5.63 -14.48 2.74
CA THR B 312 4.72 -13.35 2.59
C THR B 312 3.73 -13.53 1.46
N VAL B 313 2.63 -12.81 1.57
CA VAL B 313 1.49 -12.91 0.66
C VAL B 313 0.92 -11.53 0.41
N ALA B 314 0.69 -11.20 -0.86
CA ALA B 314 0.03 -9.96 -1.22
C ALA B 314 -1.29 -10.27 -1.92
N ALA B 315 -2.36 -9.66 -1.42
CA ALA B 315 -3.69 -9.77 -2.03
C ALA B 315 -4.06 -8.40 -2.57
N VAL B 316 -4.47 -8.36 -3.84
CA VAL B 316 -4.89 -7.13 -4.49
C VAL B 316 -6.34 -7.27 -4.94
N PHE B 317 -7.23 -6.51 -4.27
CA PHE B 317 -8.67 -6.55 -4.52
C PHE B 317 -9.11 -5.42 -5.45
N ARG B 318 -10.16 -5.72 -6.22
CA ARG B 318 -10.81 -4.74 -7.10
C ARG B 318 -12.31 -4.78 -6.88
N GLY B 319 -12.89 -3.61 -6.66
CA GLY B 319 -14.28 -3.47 -6.25
C GLY B 319 -14.36 -2.69 -4.97
N ARG B 320 -15.53 -2.10 -4.70
CA ARG B 320 -15.74 -1.29 -3.51
C ARG B 320 -16.19 -2.20 -2.39
N MET B 321 -15.40 -2.26 -1.31
CA MET B 321 -15.54 -3.29 -0.31
C MET B 321 -15.30 -2.75 1.08
N SER B 322 -15.77 -3.50 2.08
CA SER B 322 -15.52 -3.15 3.48
C SER B 322 -14.10 -3.51 3.88
N MET B 323 -13.29 -2.50 4.16
CA MET B 323 -11.94 -2.72 4.66
C MET B 323 -11.95 -3.54 5.93
N LYS B 324 -12.95 -3.31 6.79
CA LYS B 324 -13.15 -4.07 8.03
C LYS B 324 -13.20 -5.55 7.70
N GLU B 325 -14.06 -5.87 6.73
CA GLU B 325 -14.29 -7.25 6.31
C GLU B 325 -12.99 -7.88 5.83
N VAL B 326 -12.25 -7.11 5.02
CA VAL B 326 -10.98 -7.54 4.47
C VAL B 326 -10.00 -7.90 5.59
N ASP B 327 -9.72 -6.92 6.44
CA ASP B 327 -8.69 -7.03 7.47
C ASP B 327 -9.04 -8.15 8.42
N GLU B 328 -10.30 -8.15 8.85
CA GLU B 328 -10.79 -9.14 9.79
C GLU B 328 -10.65 -10.53 9.22
N GLN B 329 -10.99 -10.68 7.93
CA GLN B 329 -10.87 -11.97 7.24
C GLN B 329 -9.44 -12.47 7.29
N MET B 330 -8.52 -11.55 6.99
CA MET B 330 -7.08 -11.86 6.99
C MET B 330 -6.65 -12.35 8.36
N LEU B 331 -7.09 -11.60 9.37
CA LEU B 331 -6.75 -11.87 10.76
C LEU B 331 -7.22 -13.26 11.14
N ASN B 332 -8.45 -13.57 10.77
CA ASN B 332 -9.06 -14.86 11.11
C ASN B 332 -8.27 -15.99 10.47
N VAL B 333 -7.89 -15.77 9.20
CA VAL B 333 -7.12 -16.75 8.44
C VAL B 333 -5.78 -17.03 9.16
N GLN B 334 -5.14 -15.94 9.59
CA GLN B 334 -3.84 -16.08 10.23
C GLN B 334 -3.99 -16.82 11.56
N ASN B 335 -5.04 -16.49 12.30
CA ASN B 335 -5.20 -17.03 13.64
C ASN B 335 -5.49 -18.51 13.56
N LYS B 336 -6.39 -18.88 12.66
CA LYS B 336 -6.92 -20.23 12.60
C LYS B 336 -5.78 -21.17 12.19
N ASN B 337 -4.94 -20.72 11.25
CA ASN B 337 -3.97 -21.61 10.62
C ASN B 337 -2.58 -21.01 10.60
N SER B 338 -2.18 -20.53 11.78
CA SER B 338 -0.91 -19.85 11.98
C SER B 338 0.30 -20.67 11.57
N SER B 339 0.17 -21.99 11.55
CA SER B 339 1.28 -22.87 11.19
C SER B 339 1.72 -22.74 9.73
N TYR B 340 0.82 -22.27 8.87
CA TYR B 340 1.12 -22.17 7.45
C TYR B 340 1.78 -20.84 7.08
N PHE B 341 1.90 -19.94 8.06
CA PHE B 341 2.61 -18.69 7.86
C PHE B 341 3.79 -18.62 8.81
N VAL B 342 4.97 -18.34 8.28
CA VAL B 342 6.17 -18.37 9.12
C VAL B 342 5.99 -17.42 10.30
N GLU B 343 6.35 -17.90 11.49
CA GLU B 343 6.05 -17.17 12.72
C GLU B 343 7.05 -16.05 13.00
N TRP B 344 8.12 -15.97 12.23
CA TRP B 344 9.15 -14.95 12.43
C TRP B 344 8.82 -13.62 11.74
N ILE B 345 7.69 -13.55 11.03
CA ILE B 345 7.25 -12.32 10.38
C ILE B 345 5.81 -12.01 10.80
N PRO B 346 5.62 -11.07 11.76
CA PRO B 346 4.27 -10.76 12.21
C PRO B 346 3.53 -10.05 11.11
N ASN B 347 2.31 -10.51 10.81
CA ASN B 347 1.54 -10.04 9.65
C ASN B 347 2.22 -10.37 8.31
N ASN B 348 2.11 -11.63 7.93
CA ASN B 348 2.66 -12.11 6.66
C ASN B 348 1.87 -11.63 5.43
N VAL B 349 0.59 -11.31 5.64
CA VAL B 349 -0.26 -10.86 4.55
C VAL B 349 -0.04 -9.38 4.26
N LYS B 350 -0.58 -8.97 3.14
CA LYS B 350 -0.69 -7.58 2.73
C LYS B 350 -1.97 -7.44 1.92
N THR B 351 -2.67 -6.32 2.11
CA THR B 351 -3.84 -5.98 1.29
C THR B 351 -3.57 -4.73 0.44
N ALA B 352 -4.09 -4.75 -0.78
CA ALA B 352 -4.28 -3.53 -1.56
C ALA B 352 -5.65 -3.58 -2.20
N VAL B 353 -6.23 -2.43 -2.50
CA VAL B 353 -7.57 -2.41 -3.08
C VAL B 353 -7.73 -1.25 -4.06
N CYS B 354 -8.44 -1.52 -5.15
CA CYS B 354 -8.75 -0.51 -6.17
C CYS B 354 -10.24 -0.42 -6.43
N ASP B 355 -10.77 0.80 -6.28
CA ASP B 355 -12.12 1.16 -6.67
C ASP B 355 -12.26 1.16 -8.19
N ILE B 356 -12.37 -0.03 -8.76
CA ILE B 356 -12.66 -0.19 -10.18
C ILE B 356 -12.57 -1.69 -10.47
N PRO B 357 -13.72 -2.39 -10.46
CA PRO B 357 -13.75 -3.79 -10.84
C PRO B 357 -13.57 -3.96 -12.35
N PRO B 358 -12.88 -5.02 -12.78
CA PRO B 358 -12.78 -5.26 -14.21
C PRO B 358 -14.13 -5.70 -14.80
N ARG B 359 -14.22 -5.67 -16.13
CA ARG B 359 -15.48 -5.81 -16.89
C ARG B 359 -16.75 -6.36 -16.19
N GLY B 360 -16.84 -7.68 -16.03
CA GLY B 360 -18.05 -8.31 -15.51
C GLY B 360 -18.16 -8.28 -13.99
N LEU B 361 -17.06 -8.62 -13.32
CA LEU B 361 -17.09 -8.85 -11.87
C LEU B 361 -17.37 -7.58 -11.09
N LYS B 362 -18.06 -7.73 -9.96
CA LYS B 362 -18.15 -6.65 -8.99
C LYS B 362 -16.93 -6.68 -8.10
N MET B 363 -16.46 -7.88 -7.79
CA MET B 363 -15.34 -8.09 -6.89
C MET B 363 -14.39 -9.10 -7.47
N SER B 364 -13.13 -8.71 -7.68
CA SER B 364 -12.12 -9.63 -8.19
C SER B 364 -10.87 -9.47 -7.36
N ALA B 365 -9.96 -10.44 -7.40
CA ALA B 365 -8.76 -10.36 -6.60
C ALA B 365 -7.62 -11.13 -7.21
N THR B 366 -6.41 -10.61 -7.01
CA THR B 366 -5.19 -11.23 -7.50
C THR B 366 -4.34 -11.61 -6.31
N PHE B 367 -3.79 -12.82 -6.35
CA PHE B 367 -3.02 -13.40 -5.26
C PHE B 367 -1.56 -13.50 -5.67
N ILE B 368 -0.67 -13.10 -4.76
CA ILE B 368 0.76 -13.24 -4.98
C ILE B 368 1.35 -13.86 -3.73
N GLY B 369 1.84 -15.09 -3.85
CA GLY B 369 2.37 -15.86 -2.72
C GLY B 369 3.86 -16.09 -2.85
N ASN B 370 4.54 -15.97 -1.71
CA ASN B 370 5.95 -16.32 -1.60
C ASN B 370 6.08 -17.39 -0.52
N SER B 371 6.07 -18.66 -0.93
CA SER B 371 6.10 -19.78 0.02
C SER B 371 7.39 -20.57 -0.08
N THR B 372 7.82 -21.08 1.05
CA THR B 372 8.98 -21.95 1.13
C THR B 372 8.76 -23.24 0.36
N ALA B 373 7.50 -23.57 0.11
CA ALA B 373 7.16 -24.78 -0.62
C ALA B 373 7.67 -24.79 -2.05
N ILE B 374 7.88 -23.60 -2.61
CA ILE B 374 8.34 -23.51 -4.00
C ILE B 374 9.69 -24.21 -4.19
N GLN B 375 10.39 -24.49 -3.09
CA GLN B 375 11.61 -25.31 -3.12
C GLN B 375 11.42 -26.60 -3.89
N GLU B 376 10.22 -27.16 -3.79
CA GLU B 376 9.87 -28.43 -4.44
C GLU B 376 10.12 -28.35 -5.94
N LEU B 377 9.66 -27.24 -6.51
CA LEU B 377 9.76 -27.01 -7.95
C LEU B 377 11.22 -27.00 -8.39
N PHE B 378 12.02 -26.20 -7.68
CA PHE B 378 13.42 -26.12 -8.00
C PHE B 378 14.11 -27.45 -7.79
N LYS B 379 13.73 -28.14 -6.71
CA LYS B 379 14.33 -29.41 -6.33
C LYS B 379 14.15 -30.42 -7.46
N ARG B 380 12.93 -30.48 -7.99
CA ARG B 380 12.64 -31.45 -9.04
C ARG B 380 13.45 -31.13 -10.30
N ILE B 381 13.57 -29.84 -10.60
CA ILE B 381 14.34 -29.41 -11.77
C ILE B 381 15.80 -29.80 -11.61
N SER B 382 16.33 -29.60 -10.41
CA SER B 382 17.72 -29.93 -10.15
C SER B 382 17.93 -31.44 -10.30
N GLU B 383 16.96 -32.23 -9.80
CA GLU B 383 16.99 -33.69 -9.92
C GLU B 383 17.07 -34.10 -11.39
N GLN B 384 16.21 -33.45 -12.19
CA GLN B 384 16.15 -33.70 -13.62
C GLN B 384 17.50 -33.40 -14.28
N PHE B 385 18.06 -32.27 -13.91
CA PHE B 385 19.31 -31.78 -14.44
C PHE B 385 20.41 -32.76 -14.18
N THR B 386 20.48 -33.20 -12.94
CA THR B 386 21.60 -34.01 -12.48
C THR B 386 21.60 -35.35 -13.20
N ALA B 387 20.42 -35.95 -13.33
CA ALA B 387 20.31 -37.26 -13.94
C ALA B 387 20.91 -37.27 -15.35
N MET B 388 20.73 -36.15 -16.08
CA MET B 388 21.24 -36.00 -17.45
C MET B 388 22.69 -35.58 -17.47
N PHE B 389 23.02 -34.58 -16.66
CA PHE B 389 24.34 -33.96 -16.73
C PHE B 389 25.43 -34.91 -16.25
N ARG B 390 25.12 -35.76 -15.28
CA ARG B 390 26.12 -36.72 -14.80
C ARG B 390 26.52 -37.70 -15.92
N ARG B 391 25.68 -37.84 -16.95
CA ARG B 391 26.02 -38.62 -18.14
C ARG B 391 26.34 -37.74 -19.35
N LYS B 392 26.45 -36.44 -19.11
CA LYS B 392 26.66 -35.44 -20.15
C LYS B 392 25.74 -35.62 -21.35
N ALA B 393 24.51 -36.02 -21.06
CA ALA B 393 23.51 -36.24 -22.11
C ALA B 393 23.07 -34.91 -22.74
N PHE B 394 22.99 -34.88 -24.07
CA PHE B 394 22.63 -33.68 -24.84
C PHE B 394 23.58 -32.48 -24.72
N LEU B 395 24.72 -32.66 -24.08
CA LEU B 395 25.57 -31.52 -23.75
C LEU B 395 26.31 -30.95 -24.97
N HIS B 396 26.59 -31.81 -25.95
CA HIS B 396 27.30 -31.38 -27.15
C HIS B 396 26.61 -30.23 -27.89
N TRP B 397 25.29 -30.21 -27.85
CA TRP B 397 24.57 -29.12 -28.52
C TRP B 397 24.90 -27.77 -27.94
N TYR B 398 25.26 -27.73 -26.65
CA TYR B 398 25.56 -26.48 -25.96
C TYR B 398 27.04 -26.14 -25.98
N THR B 399 27.89 -27.14 -25.79
CA THR B 399 29.33 -26.91 -25.85
C THR B 399 29.72 -26.44 -27.25
N GLY B 400 28.99 -26.92 -28.25
CA GLY B 400 29.24 -26.55 -29.62
C GLY B 400 29.06 -25.06 -29.90
N GLU B 401 28.29 -24.40 -29.04
CA GLU B 401 28.11 -22.96 -29.16
C GLU B 401 28.95 -22.17 -28.17
N GLY B 402 29.93 -22.83 -27.55
CA GLY B 402 30.91 -22.14 -26.72
C GLY B 402 30.63 -22.11 -25.23
N MET B 403 29.56 -22.76 -24.80
CA MET B 403 29.26 -22.90 -23.38
C MET B 403 30.23 -23.92 -22.76
N ASP B 404 30.53 -23.77 -21.47
CA ASP B 404 31.49 -24.64 -20.79
C ASP B 404 30.78 -25.43 -19.70
N GLU B 405 31.29 -26.62 -19.41
CA GLU B 405 30.73 -27.51 -18.38
C GLU B 405 30.59 -26.81 -17.02
N MET B 406 31.64 -26.04 -16.71
CA MET B 406 31.76 -25.37 -15.41
C MET B 406 30.56 -24.49 -15.14
N GLU B 407 30.09 -23.81 -16.19
CA GLU B 407 28.94 -22.92 -16.10
C GLU B 407 27.70 -23.68 -15.63
N PHE B 408 27.50 -24.86 -16.24
CA PHE B 408 26.36 -25.72 -15.91
C PHE B 408 26.39 -26.07 -14.42
N THR B 409 27.58 -26.47 -13.99
CA THR B 409 27.82 -26.88 -12.60
C THR B 409 27.46 -25.72 -11.66
N GLU B 410 27.94 -24.54 -12.02
CA GLU B 410 27.73 -23.37 -11.21
C GLU B 410 26.24 -23.04 -11.12
N ALA B 411 25.54 -23.16 -12.24
CA ALA B 411 24.10 -22.93 -12.28
C ALA B 411 23.38 -23.88 -11.34
N GLU B 412 23.79 -25.15 -11.38
CA GLU B 412 23.20 -26.16 -10.51
C GLU B 412 23.42 -25.79 -9.04
N SER B 413 24.65 -25.37 -8.75
CA SER B 413 25.05 -24.99 -7.40
C SER B 413 24.17 -23.86 -6.89
N ASN B 414 23.98 -22.87 -7.75
CA ASN B 414 23.17 -21.71 -7.37
C ASN B 414 21.73 -22.12 -7.09
N MET B 415 21.21 -23.01 -7.93
CA MET B 415 19.85 -23.52 -7.78
C MET B 415 19.72 -24.24 -6.41
N ASN B 416 20.72 -25.04 -6.10
CA ASN B 416 20.72 -25.79 -4.86
C ASN B 416 20.75 -24.84 -3.66
N ASP B 417 21.56 -23.80 -3.78
CA ASP B 417 21.67 -22.79 -2.72
C ASP B 417 20.34 -22.12 -2.51
N LEU B 418 19.64 -21.80 -3.60
CA LEU B 418 18.31 -21.21 -3.52
C LEU B 418 17.35 -22.09 -2.68
N VAL B 419 17.37 -23.38 -3.02
CA VAL B 419 16.56 -24.40 -2.35
C VAL B 419 16.87 -24.41 -0.86
N SER B 420 18.16 -24.41 -0.55
CA SER B 420 18.64 -24.43 0.82
C SER B 420 18.11 -23.23 1.59
N GLU B 421 18.19 -22.07 0.95
CA GLU B 421 17.74 -20.82 1.55
C GLU B 421 16.25 -20.90 1.85
N TYR B 422 15.49 -21.44 0.89
CA TYR B 422 14.04 -21.60 1.08
C TYR B 422 13.74 -22.52 2.27
N GLN B 423 14.50 -23.60 2.35
CA GLN B 423 14.37 -24.57 3.43
C GLN B 423 14.66 -23.94 4.78
N GLN B 424 15.63 -23.04 4.83
CA GLN B 424 15.93 -22.27 6.04
C GLN B 424 14.69 -21.63 6.66
N TYR B 425 13.85 -21.03 5.83
CA TYR B 425 12.72 -20.27 6.34
C TYR B 425 11.50 -21.15 6.48
N GLN B 426 11.59 -22.38 5.97
CA GLN B 426 10.59 -23.39 6.29
C GLN B 426 10.74 -23.86 7.74
#